data_7FSU
#
_entry.id   7FSU
#
_cell.length_a   80.951
_cell.length_b   49.447
_cell.length_c   114.739
_cell.angle_alpha   90.000
_cell.angle_beta   94.960
_cell.angle_gamma   90.000
#
_symmetry.space_group_name_H-M   'P 1 21 1'
#
loop_
_entity.id
_entity.type
_entity.pdbx_description
1 polymer Syntenin-1
2 non-polymer 1,2-ETHANEDIOL
3 non-polymer 'D-GLUTAMIC ACID'
4 non-polymer GLYCINE
5 non-polymer 2-cyclopentyl-N-(3-methyl-1,2,4-oxadiazol-5-yl)acetamide
6 non-polymer 'SULFATE ION'
7 non-polymer ALANINE
8 water water
#
_entity_poly.entity_id   1
_entity_poly.type   'polypeptide(L)'
_entity_poly.pdbx_seq_one_letter_code
;SMAEIKQGIREVILCKDQDGKIGLRLKSIDNGIFVQLVQANSPASLVGLRFGDQVLQINGENCAGWSSDKAHKVLKQAFG
EKITMTIRDRPFERTITMHKDSTGHVGFIFKNGKITSIVKDSSAARNGLLTEHNICEINGQNVIGLKDSQIADILSTSGT
VVTITIMPAFIFEHIIKRMAPSIMKSLMDHTIPEV
;
_entity_poly.pdbx_strand_id   A,B,C,D
#
loop_
_chem_comp.id
_chem_comp.type
_chem_comp.name
_chem_comp.formula
EDO non-polymer 1,2-ETHANEDIOL 'C2 H6 O2'
SO4 non-polymer 'SULFATE ION' 'O4 S -2'
YDU non-polymer 2-cyclopentyl-N-(3-methyl-1,2,4-oxadiazol-5-yl)acetamide 'C10 H15 N3 O2'
#
# COMPACT_ATOMS: atom_id res chain seq x y z
N ILE A 5 -6.88 -19.14 -19.83
CA ILE A 5 -5.86 -18.55 -18.92
C ILE A 5 -4.59 -19.41 -19.00
N LYS A 6 -3.53 -18.92 -19.67
CA LYS A 6 -2.19 -19.57 -19.65
C LYS A 6 -1.75 -19.68 -18.19
N GLN A 7 -1.51 -20.91 -17.70
CA GLN A 7 -0.65 -21.17 -16.52
C GLN A 7 0.79 -20.92 -17.01
N GLY A 8 1.06 -19.66 -17.41
CA GLY A 8 2.17 -19.28 -18.28
C GLY A 8 2.60 -17.84 -18.10
N ILE A 9 3.92 -17.68 -17.97
CA ILE A 9 4.67 -16.40 -18.05
C ILE A 9 5.18 -16.27 -19.49
N ARG A 10 4.93 -15.13 -20.14
CA ARG A 10 5.36 -14.87 -21.53
C ARG A 10 6.00 -13.49 -21.61
N GLU A 11 6.89 -13.30 -22.60
CA GLU A 11 7.49 -11.98 -22.92
C GLU A 11 6.69 -11.35 -24.06
N VAL A 12 6.47 -10.04 -23.99
CA VAL A 12 5.76 -9.25 -25.06
C VAL A 12 6.68 -8.07 -25.40
N ILE A 13 6.78 -7.76 -26.69
CA ILE A 13 7.61 -6.62 -27.15
C ILE A 13 6.68 -5.59 -27.78
N LEU A 14 6.72 -4.38 -27.23
CA LEU A 14 5.80 -3.27 -27.53
C LEU A 14 6.58 -2.15 -28.21
N CYS A 15 5.87 -1.37 -29.02
CA CYS A 15 6.36 -0.20 -29.80
C CYS A 15 5.38 0.95 -29.60
N LYS A 16 5.80 2.06 -28.95
CA LYS A 16 4.94 3.27 -28.78
C LYS A 16 4.45 3.75 -30.14
N ASP A 17 3.18 4.15 -30.24
CA ASP A 17 2.58 4.57 -31.54
C ASP A 17 3.13 5.96 -31.88
N GLN A 18 2.55 6.60 -32.90
CA GLN A 18 2.99 7.94 -33.41
C GLN A 18 2.91 8.95 -32.29
N ASP A 19 1.93 8.82 -31.40
CA ASP A 19 1.65 9.78 -30.29
C ASP A 19 2.47 9.42 -29.04
N GLY A 20 3.31 8.39 -29.07
CA GLY A 20 4.08 7.96 -27.89
C GLY A 20 3.21 7.25 -26.87
N LYS A 21 2.06 6.72 -27.27
CA LYS A 21 1.09 5.99 -26.43
C LYS A 21 1.31 4.49 -26.58
N ILE A 22 0.95 3.68 -25.59
CA ILE A 22 0.97 2.20 -25.75
C ILE A 22 -0.43 1.67 -25.54
N GLY A 23 -1.27 2.46 -24.87
CA GLY A 23 -2.70 2.19 -24.68
C GLY A 23 -2.93 1.32 -23.47
N LEU A 24 -2.27 1.62 -22.35
CA LEU A 24 -2.35 0.81 -21.09
C LEU A 24 -2.58 1.73 -19.86
N ARG A 25 -3.50 1.35 -18.97
CA ARG A 25 -3.49 1.80 -17.55
C ARG A 25 -3.23 0.58 -16.64
N LEU A 26 -2.39 0.76 -15.63
CA LEU A 26 -1.89 -0.29 -14.72
C LEU A 26 -2.36 0.02 -13.30
N LYS A 27 -2.59 -1.01 -12.47
CA LYS A 27 -3.12 -0.84 -11.09
C LYS A 27 -2.29 -1.72 -10.15
N SER A 28 -1.81 -1.13 -9.06
CA SER A 28 -1.15 -1.82 -7.93
C SER A 28 -2.16 -2.71 -7.21
N ILE A 29 -1.87 -4.00 -7.11
CA ILE A 29 -2.74 -4.94 -6.35
C ILE A 29 -1.85 -5.89 -5.56
N ASP A 30 -1.94 -5.91 -4.23
CA ASP A 30 -1.16 -6.89 -3.41
C ASP A 30 0.31 -6.91 -3.91
N ASN A 31 0.90 -5.73 -4.13
CA ASN A 31 2.34 -5.50 -4.46
C ASN A 31 2.71 -6.10 -5.82
N GLY A 32 1.73 -6.38 -6.67
CA GLY A 32 1.95 -6.59 -8.09
C GLY A 32 1.45 -5.43 -8.90
N ILE A 33 1.55 -5.56 -10.20
CA ILE A 33 0.97 -4.57 -11.14
C ILE A 33 0.14 -5.37 -12.12
N PHE A 34 -1.06 -4.91 -12.37
CA PHE A 34 -2.09 -5.60 -13.17
C PHE A 34 -2.60 -4.63 -14.26
N VAL A 35 -3.10 -5.15 -15.36
CA VAL A 35 -3.69 -4.32 -16.43
C VAL A 35 -5.13 -3.94 -16.03
N GLN A 36 -5.38 -2.63 -15.87
CA GLN A 36 -6.72 -2.07 -15.61
C GLN A 36 -7.44 -1.78 -16.94
N LEU A 37 -6.71 -1.31 -17.94
CA LEU A 37 -7.32 -0.92 -19.26
C LEU A 37 -6.35 -1.22 -20.35
N VAL A 38 -6.86 -1.86 -21.41
CA VAL A 38 -6.21 -1.92 -22.74
C VAL A 38 -7.07 -1.13 -23.72
N GLN A 39 -6.50 -0.05 -24.27
CA GLN A 39 -7.16 0.87 -25.23
C GLN A 39 -7.25 0.15 -26.59
N ALA A 40 -8.42 0.22 -27.26
CA ALA A 40 -8.63 -0.31 -28.63
C ALA A 40 -7.56 0.25 -29.56
N ASN A 41 -7.12 -0.53 -30.54
CA ASN A 41 -6.16 -0.08 -31.59
C ASN A 41 -4.88 0.47 -30.98
N SER A 42 -4.42 -0.04 -29.83
CA SER A 42 -3.14 0.44 -29.26
C SER A 42 -2.07 -0.60 -29.54
N PRO A 43 -0.78 -0.25 -29.33
CA PRO A 43 0.26 -1.27 -29.29
C PRO A 43 -0.09 -2.37 -28.27
N ALA A 44 -0.71 -2.02 -27.15
CA ALA A 44 -0.92 -2.98 -26.05
C ALA A 44 -1.91 -4.03 -26.53
N SER A 45 -2.96 -3.64 -27.23
CA SER A 45 -3.94 -4.63 -27.76
C SER A 45 -3.32 -5.46 -28.91
N LEU A 46 -2.50 -4.87 -29.78
CA LEU A 46 -1.93 -5.58 -30.96
C LEU A 46 -1.02 -6.70 -30.46
N VAL A 47 -0.23 -6.46 -29.42
CA VAL A 47 0.63 -7.54 -28.85
C VAL A 47 -0.21 -8.43 -27.93
N GLY A 48 -1.51 -8.15 -27.76
CA GLY A 48 -2.42 -9.09 -27.10
C GLY A 48 -2.43 -8.96 -25.59
N LEU A 49 -2.07 -7.80 -25.01
CA LEU A 49 -2.27 -7.55 -23.55
C LEU A 49 -3.76 -7.54 -23.23
N ARG A 50 -4.12 -8.05 -22.04
CA ARG A 50 -5.53 -8.28 -21.61
C ARG A 50 -5.76 -7.67 -20.24
N PHE A 51 -6.96 -7.16 -20.00
CA PHE A 51 -7.44 -6.84 -18.63
C PHE A 51 -7.04 -7.99 -17.65
N GLY A 52 -6.49 -7.68 -16.47
CA GLY A 52 -6.15 -8.65 -15.40
C GLY A 52 -4.78 -9.31 -15.57
N ASP A 53 -4.08 -9.03 -16.66
CA ASP A 53 -2.73 -9.59 -16.90
C ASP A 53 -1.85 -8.96 -15.81
N GLN A 54 -0.93 -9.75 -15.27
CA GLN A 54 0.03 -9.21 -14.31
C GLN A 54 1.28 -8.87 -15.11
N VAL A 55 1.86 -7.73 -14.83
CA VAL A 55 3.15 -7.29 -15.41
C VAL A 55 4.22 -7.56 -14.35
N LEU A 56 5.09 -8.55 -14.62
CA LEU A 56 6.23 -8.95 -13.74
C LEU A 56 7.40 -7.99 -13.96
N GLN A 57 7.78 -7.77 -15.23
CA GLN A 57 8.89 -6.85 -15.57
C GLN A 57 8.49 -5.95 -16.73
N ILE A 58 9.13 -4.79 -16.71
CA ILE A 58 9.16 -3.77 -17.80
C ILE A 58 10.65 -3.57 -18.05
N ASN A 59 11.12 -3.81 -19.27
CA ASN A 59 12.57 -3.70 -19.66
C ASN A 59 13.43 -4.40 -18.60
N GLY A 60 13.07 -5.60 -18.19
CA GLY A 60 13.87 -6.43 -17.28
C GLY A 60 13.94 -5.89 -15.85
N GLU A 61 13.25 -4.80 -15.51
CA GLU A 61 13.06 -4.35 -14.10
C GLU A 61 11.83 -5.00 -13.46
N ASN A 62 11.96 -5.50 -12.23
CA ASN A 62 10.81 -6.12 -11.50
C ASN A 62 9.80 -5.03 -11.15
N CYS A 63 8.50 -5.32 -11.25
CA CYS A 63 7.44 -4.33 -10.88
C CYS A 63 7.01 -4.46 -9.40
N ALA A 64 7.50 -5.47 -8.68
CA ALA A 64 6.95 -5.78 -7.35
C ALA A 64 7.02 -4.53 -6.48
N GLY A 65 5.92 -4.19 -5.82
CA GLY A 65 5.86 -3.05 -4.89
C GLY A 65 5.70 -1.69 -5.57
N TRP A 66 5.73 -1.57 -6.90
CA TRP A 66 5.53 -0.25 -7.56
C TRP A 66 4.09 0.25 -7.34
N SER A 67 3.94 1.54 -7.02
CA SER A 67 2.66 2.31 -7.14
C SER A 67 2.14 2.25 -8.58
N SER A 68 0.83 2.34 -8.78
CA SER A 68 0.24 2.61 -10.12
C SER A 68 0.98 3.84 -10.74
N ASP A 69 1.22 4.89 -9.96
CA ASP A 69 1.95 6.10 -10.47
C ASP A 69 3.33 5.72 -11.02
N LYS A 70 4.13 4.97 -10.26
CA LYS A 70 5.51 4.67 -10.69
C LYS A 70 5.51 3.84 -11.98
N ALA A 71 4.61 2.86 -12.09
CA ALA A 71 4.56 2.00 -13.30
C ALA A 71 4.26 2.87 -14.52
N HIS A 72 3.28 3.79 -14.41
CA HIS A 72 2.95 4.80 -15.47
C HIS A 72 4.13 5.73 -15.75
N LYS A 73 4.83 6.21 -14.72
CA LYS A 73 6.01 7.05 -14.95
C LYS A 73 7.08 6.25 -15.71
N VAL A 74 7.36 5.01 -15.30
CA VAL A 74 8.38 4.15 -15.99
C VAL A 74 7.98 4.01 -17.46
N LEU A 75 6.73 3.66 -17.75
CA LEU A 75 6.28 3.55 -19.15
C LEU A 75 6.53 4.87 -19.89
N LYS A 76 6.24 6.01 -19.24
CA LYS A 76 6.32 7.33 -19.91
C LYS A 76 7.78 7.60 -20.31
N GLN A 77 8.78 7.19 -19.51
CA GLN A 77 10.22 7.47 -19.78
C GLN A 77 10.91 6.48 -20.73
N ALA A 78 10.32 5.34 -21.10
CA ALA A 78 11.05 4.30 -21.88
C ALA A 78 11.41 4.82 -23.30
N PHE A 79 12.66 4.59 -23.77
CA PHE A 79 13.12 4.68 -25.19
C PHE A 79 12.10 4.02 -26.14
N GLY A 80 11.10 4.78 -26.62
CA GLY A 80 9.86 4.31 -27.27
C GLY A 80 10.06 3.16 -28.25
N GLU A 81 11.15 3.18 -29.02
CA GLU A 81 11.55 2.19 -30.08
C GLU A 81 11.10 0.76 -29.67
N LYS A 82 11.40 0.32 -28.44
CA LYS A 82 11.19 -1.09 -28.03
C LYS A 82 11.05 -1.17 -26.50
N ILE A 83 9.93 -1.73 -26.03
CA ILE A 83 9.62 -2.01 -24.59
C ILE A 83 9.31 -3.51 -24.43
N THR A 84 10.11 -4.23 -23.64
CA THR A 84 9.89 -5.66 -23.31
C THR A 84 8.98 -5.69 -22.09
N MET A 85 7.99 -6.58 -22.05
CA MET A 85 7.28 -6.84 -20.78
C MET A 85 7.27 -8.33 -20.54
N THR A 86 7.40 -8.72 -19.28
CA THR A 86 7.15 -10.11 -18.83
C THR A 86 5.77 -10.14 -18.17
N ILE A 87 4.88 -10.96 -18.70
CA ILE A 87 3.43 -10.99 -18.36
C ILE A 87 3.07 -12.35 -17.73
N ARG A 88 2.35 -12.38 -16.62
CA ARG A 88 1.67 -13.61 -16.15
C ARG A 88 0.18 -13.47 -16.51
N ASP A 89 -0.32 -14.45 -17.25
CA ASP A 89 -1.64 -14.36 -17.90
C ASP A 89 -2.79 -14.37 -16.88
N ARG A 90 -3.57 -13.28 -16.79
CA ARG A 90 -4.84 -13.13 -16.03
C ARG A 90 -4.87 -14.03 -14.79
N PRO A 91 -3.96 -13.81 -13.83
CA PRO A 91 -3.83 -14.69 -12.69
C PRO A 91 -5.05 -14.73 -11.76
N PHE A 92 -5.86 -13.67 -11.74
CA PHE A 92 -7.06 -13.63 -10.86
C PHE A 92 -8.28 -14.23 -11.57
N GLU A 93 -8.15 -14.78 -12.77
CA GLU A 93 -9.34 -15.19 -13.55
C GLU A 93 -9.28 -16.68 -13.86
N ARG A 94 -10.46 -17.26 -14.11
CA ARG A 94 -10.59 -18.66 -14.61
C ARG A 94 -11.55 -18.66 -15.80
N THR A 95 -11.41 -19.61 -16.71
CA THR A 95 -12.31 -19.77 -17.88
C THR A 95 -13.22 -20.96 -17.61
N ILE A 96 -14.49 -20.86 -17.95
CA ILE A 96 -15.50 -21.95 -17.77
C ILE A 96 -16.15 -22.18 -19.12
N THR A 97 -16.29 -23.44 -19.53
CA THR A 97 -16.87 -23.84 -20.82
C THR A 97 -18.27 -24.41 -20.52
N MET A 98 -19.30 -23.82 -21.11
CA MET A 98 -20.71 -24.25 -20.97
C MET A 98 -21.35 -24.46 -22.35
N HIS A 99 -22.48 -25.18 -22.39
CA HIS A 99 -23.28 -25.55 -23.61
C HIS A 99 -24.72 -25.03 -23.41
N LYS A 100 -25.25 -24.20 -24.33
CA LYS A 100 -26.64 -23.65 -24.22
C LYS A 100 -27.61 -24.83 -24.25
N ASP A 101 -28.77 -24.74 -23.58
CA ASP A 101 -29.85 -25.76 -23.70
C ASP A 101 -30.53 -25.48 -25.05
N SER A 102 -31.57 -26.22 -25.45
CA SER A 102 -32.23 -25.97 -26.75
C SER A 102 -32.96 -24.61 -26.73
N THR A 103 -33.37 -24.14 -25.54
CA THR A 103 -33.99 -22.81 -25.32
C THR A 103 -32.92 -21.71 -25.39
N GLY A 104 -31.69 -22.04 -25.78
CA GLY A 104 -30.58 -21.07 -25.95
C GLY A 104 -29.85 -20.66 -24.67
N HIS A 105 -30.17 -21.24 -23.48
CA HIS A 105 -29.69 -20.78 -22.14
C HIS A 105 -28.46 -21.57 -21.64
N VAL A 106 -27.46 -20.87 -21.06
CA VAL A 106 -26.32 -21.49 -20.29
C VAL A 106 -26.71 -21.69 -18.82
N GLY A 107 -27.54 -20.81 -18.26
CA GLY A 107 -28.25 -21.03 -16.99
C GLY A 107 -27.75 -20.19 -15.83
N PHE A 108 -27.58 -18.87 -16.03
CA PHE A 108 -27.33 -17.87 -14.94
C PHE A 108 -28.01 -16.53 -15.21
N ILE A 109 -28.07 -15.72 -14.15
CA ILE A 109 -28.53 -14.31 -14.10
C ILE A 109 -27.37 -13.43 -13.63
N PHE A 110 -27.06 -12.39 -14.41
CA PHE A 110 -26.03 -11.40 -14.06
C PHE A 110 -26.64 -10.01 -13.99
N LYS A 111 -25.93 -9.08 -13.34
CA LYS A 111 -26.31 -7.67 -13.20
C LYS A 111 -25.08 -6.79 -13.02
N ASN A 112 -24.95 -5.74 -13.85
CA ASN A 112 -23.76 -4.85 -13.98
C ASN A 112 -22.54 -5.75 -14.18
N GLY A 113 -22.67 -6.76 -15.03
CA GLY A 113 -21.62 -7.74 -15.37
C GLY A 113 -21.34 -8.80 -14.32
N LYS A 114 -22.04 -8.82 -13.18
CA LYS A 114 -21.84 -9.71 -11.99
C LYS A 114 -22.87 -10.84 -11.94
N ILE A 115 -22.41 -12.10 -11.89
CA ILE A 115 -23.30 -13.30 -11.80
C ILE A 115 -23.91 -13.31 -10.40
N THR A 116 -25.24 -13.32 -10.30
CA THR A 116 -26.00 -13.13 -9.03
C THR A 116 -26.79 -14.37 -8.68
N SER A 117 -27.07 -15.24 -9.66
CA SER A 117 -27.68 -16.56 -9.42
C SER A 117 -27.33 -17.55 -10.54
N ILE A 118 -27.32 -18.84 -10.18
CA ILE A 118 -27.09 -20.01 -11.08
C ILE A 118 -28.42 -20.76 -11.11
N VAL A 119 -28.93 -21.07 -12.31
CA VAL A 119 -30.29 -21.66 -12.53
C VAL A 119 -30.15 -23.16 -12.33
N LYS A 120 -31.00 -23.75 -11.50
CA LYS A 120 -30.87 -25.19 -11.10
C LYS A 120 -30.92 -26.03 -12.37
N ASP A 121 -30.20 -27.15 -12.40
CA ASP A 121 -30.24 -28.16 -13.50
C ASP A 121 -29.70 -27.61 -14.83
N SER A 122 -28.90 -26.53 -14.84
CA SER A 122 -28.34 -25.87 -16.05
C SER A 122 -26.87 -26.27 -16.26
N SER A 123 -26.35 -26.04 -17.47
CA SER A 123 -24.91 -26.18 -17.85
C SER A 123 -24.03 -25.38 -16.90
N ALA A 124 -24.49 -24.20 -16.46
CA ALA A 124 -23.81 -23.35 -15.46
C ALA A 124 -23.75 -24.05 -14.09
N ALA A 125 -24.83 -24.72 -13.66
CA ALA A 125 -24.83 -25.56 -12.44
C ALA A 125 -23.84 -26.71 -12.63
N ARG A 126 -23.90 -27.40 -13.77
CA ARG A 126 -23.11 -28.65 -14.02
C ARG A 126 -21.62 -28.32 -14.07
N ASN A 127 -21.26 -27.11 -14.48
CA ASN A 127 -19.85 -26.66 -14.64
C ASN A 127 -19.36 -25.88 -13.41
N GLY A 128 -20.16 -25.78 -12.34
CA GLY A 128 -19.79 -25.03 -11.12
C GLY A 128 -19.48 -23.55 -11.32
N LEU A 129 -20.28 -22.84 -12.13
CA LEU A 129 -20.22 -21.36 -12.22
C LEU A 129 -20.50 -20.78 -10.84
N LEU A 130 -19.84 -19.70 -10.47
CA LEU A 130 -19.99 -19.16 -9.11
C LEU A 130 -20.73 -17.85 -9.23
N THR A 131 -21.48 -17.47 -8.19
CA THR A 131 -22.00 -16.09 -8.12
C THR A 131 -20.91 -15.14 -7.57
N GLU A 132 -21.23 -13.86 -7.57
CA GLU A 132 -20.33 -12.82 -7.01
C GLU A 132 -19.01 -12.87 -7.80
N HIS A 133 -19.10 -13.14 -9.09
CA HIS A 133 -17.98 -13.14 -10.06
C HIS A 133 -18.36 -12.22 -11.21
N ASN A 134 -17.49 -11.30 -11.60
CA ASN A 134 -17.73 -10.39 -12.74
C ASN A 134 -17.34 -11.11 -14.00
N ILE A 135 -18.11 -10.88 -15.07
CA ILE A 135 -17.79 -11.44 -16.41
C ILE A 135 -16.71 -10.54 -16.99
N CYS A 136 -15.53 -11.10 -17.29
CA CYS A 136 -14.41 -10.34 -17.89
C CYS A 136 -14.39 -10.51 -19.40
N GLU A 137 -14.68 -11.70 -19.90
CA GLU A 137 -14.58 -12.00 -21.35
C GLU A 137 -15.64 -13.07 -21.69
N ILE A 138 -16.05 -13.11 -22.96
CA ILE A 138 -16.96 -14.17 -23.49
C ILE A 138 -16.39 -14.67 -24.81
N ASN A 139 -16.05 -15.95 -24.90
CA ASN A 139 -15.37 -16.49 -26.10
C ASN A 139 -14.19 -15.57 -26.44
N GLY A 140 -13.40 -15.23 -25.43
CA GLY A 140 -12.14 -14.47 -25.58
C GLY A 140 -12.37 -13.01 -25.98
N GLN A 141 -13.60 -12.50 -25.91
CA GLN A 141 -13.89 -11.07 -26.17
C GLN A 141 -14.05 -10.32 -24.87
N ASN A 142 -13.28 -9.27 -24.67
CA ASN A 142 -13.45 -8.41 -23.47
C ASN A 142 -14.85 -7.80 -23.52
N VAL A 143 -15.60 -7.85 -22.41
CA VAL A 143 -17.00 -7.30 -22.33
C VAL A 143 -17.13 -6.35 -21.13
N ILE A 144 -16.01 -5.95 -20.55
CA ILE A 144 -16.06 -5.08 -19.35
C ILE A 144 -16.52 -3.68 -19.74
N GLY A 145 -17.59 -3.20 -19.09
CA GLY A 145 -18.17 -1.87 -19.33
C GLY A 145 -19.34 -1.92 -20.29
N LEU A 146 -19.46 -2.98 -21.11
CA LEU A 146 -20.63 -3.14 -21.99
C LEU A 146 -21.86 -3.15 -21.11
N LYS A 147 -22.99 -2.62 -21.59
CA LYS A 147 -24.28 -2.68 -20.87
C LYS A 147 -24.66 -4.15 -20.69
N ASP A 148 -25.56 -4.46 -19.76
CA ASP A 148 -25.93 -5.89 -19.52
C ASP A 148 -26.56 -6.43 -20.81
N SER A 149 -27.32 -5.55 -21.48
CA SER A 149 -28.07 -5.90 -22.70
C SER A 149 -27.10 -6.35 -23.79
N GLN A 150 -25.92 -5.73 -23.93
CA GLN A 150 -24.95 -6.12 -25.02
C GLN A 150 -24.17 -7.39 -24.63
N ILE A 151 -24.11 -7.69 -23.34
CA ILE A 151 -23.52 -8.97 -22.87
C ILE A 151 -24.48 -10.10 -23.27
N ALA A 152 -25.78 -9.95 -22.96
CA ALA A 152 -26.79 -10.96 -23.32
C ALA A 152 -26.84 -11.08 -24.84
N ASP A 153 -26.75 -9.95 -25.55
CA ASP A 153 -26.68 -9.94 -27.03
C ASP A 153 -25.57 -10.90 -27.45
N ILE A 154 -24.33 -10.66 -26.97
CA ILE A 154 -23.11 -11.45 -27.34
C ILE A 154 -23.32 -12.92 -26.98
N LEU A 155 -24.13 -13.22 -25.96
CA LEU A 155 -24.41 -14.61 -25.52
C LEU A 155 -25.33 -15.31 -26.53
N SER A 156 -26.42 -14.64 -26.90
CA SER A 156 -27.39 -15.07 -27.95
C SER A 156 -26.64 -15.35 -29.27
N THR A 157 -25.85 -14.39 -29.73
CA THR A 157 -25.11 -14.49 -31.01
C THR A 157 -23.96 -15.49 -30.84
N SER A 158 -23.59 -15.90 -29.63
CA SER A 158 -22.60 -17.01 -29.49
C SER A 158 -23.20 -18.31 -30.04
N GLY A 159 -22.34 -19.21 -30.54
CA GLY A 159 -22.70 -20.60 -30.83
C GLY A 159 -23.12 -21.30 -29.55
N THR A 160 -23.24 -22.62 -29.56
CA THR A 160 -23.84 -23.38 -28.43
C THR A 160 -22.78 -23.55 -27.30
N VAL A 161 -21.53 -23.87 -27.65
CA VAL A 161 -20.31 -23.79 -26.78
C VAL A 161 -20.06 -22.31 -26.43
N VAL A 162 -20.15 -21.97 -25.14
CA VAL A 162 -19.86 -20.63 -24.59
C VAL A 162 -18.72 -20.81 -23.58
N THR A 163 -17.65 -20.10 -23.85
CA THR A 163 -16.51 -19.90 -22.93
C THR A 163 -16.69 -18.55 -22.24
N ILE A 164 -16.70 -18.54 -20.91
CA ILE A 164 -16.71 -17.27 -20.11
C ILE A 164 -15.49 -17.23 -19.19
N THR A 165 -14.88 -16.04 -19.08
CA THR A 165 -13.69 -15.80 -18.26
C THR A 165 -14.15 -14.86 -17.14
N ILE A 166 -14.07 -15.32 -15.89
CA ILE A 166 -14.65 -14.61 -14.72
C ILE A 166 -13.58 -14.28 -13.67
N MET A 167 -13.93 -13.39 -12.75
CA MET A 167 -13.06 -12.85 -11.67
C MET A 167 -13.89 -12.65 -10.43
N PRO A 168 -13.40 -13.09 -9.24
CA PRO A 168 -14.01 -12.71 -7.97
C PRO A 168 -14.27 -11.19 -7.95
N ALA A 169 -15.44 -10.81 -7.45
CA ALA A 169 -16.01 -9.45 -7.56
C ALA A 169 -15.19 -8.51 -6.70
N PHE A 170 -14.75 -8.97 -5.51
N PHE A 170 -14.73 -8.98 -5.53
CA PHE A 170 -13.89 -8.17 -4.61
CA PHE A 170 -13.89 -8.18 -4.61
C PHE A 170 -12.62 -7.76 -5.39
C PHE A 170 -12.59 -7.79 -5.32
N ILE A 171 -12.00 -8.71 -6.10
CA ILE A 171 -10.75 -8.44 -6.87
C ILE A 171 -11.09 -7.47 -8.02
N PHE A 172 -12.17 -7.73 -8.76
CA PHE A 172 -12.65 -6.90 -9.91
C PHE A 172 -12.90 -5.47 -9.40
N GLU A 173 -13.70 -5.29 -8.34
CA GLU A 173 -13.98 -3.96 -7.76
C GLU A 173 -12.65 -3.30 -7.34
N HIS A 174 -11.64 -4.03 -6.92
CA HIS A 174 -10.36 -3.43 -6.46
C HIS A 174 -9.55 -2.92 -7.68
N ILE A 175 -9.66 -3.53 -8.86
CA ILE A 175 -8.83 -3.24 -10.06
C ILE A 175 -9.38 -1.99 -10.77
N ILE A 176 -10.70 -1.91 -10.93
CA ILE A 176 -11.38 -0.84 -11.73
C ILE A 176 -11.66 0.42 -10.90
N LYS A 177 -11.42 0.38 -9.58
CA LYS A 177 -11.55 1.57 -8.68
C LYS A 177 -10.79 2.75 -9.29
N ARG A 178 -11.49 3.87 -9.52
CA ARG A 178 -10.90 5.13 -10.07
C ARG A 178 -10.61 4.95 -11.57
N MET A 179 -11.59 4.35 -12.27
CA MET A 179 -11.85 4.47 -13.73
C MET A 179 -13.39 4.56 -13.95
N ALA A 180 -13.88 5.72 -14.40
CA ALA A 180 -15.32 6.07 -14.54
C ALA A 180 -16.00 5.01 -15.41
N PRO A 181 -17.27 4.62 -15.11
CA PRO A 181 -17.88 3.46 -15.76
C PRO A 181 -18.10 3.70 -17.27
N SER A 182 -17.90 4.96 -17.72
CA SER A 182 -18.00 5.45 -19.13
C SER A 182 -16.70 5.18 -19.88
N ILE A 183 -15.52 5.31 -19.24
CA ILE A 183 -14.20 5.05 -19.89
C ILE A 183 -14.09 3.54 -20.13
N MET A 184 -14.65 2.73 -19.21
CA MET A 184 -14.77 1.25 -19.29
C MET A 184 -15.55 0.91 -20.57
N LYS A 185 -16.76 1.44 -20.73
CA LYS A 185 -17.60 1.31 -21.96
C LYS A 185 -16.91 1.93 -23.19
N SER A 186 -16.40 3.15 -23.05
CA SER A 186 -15.82 3.96 -24.15
C SER A 186 -14.60 3.29 -24.77
N LEU A 187 -13.57 2.99 -23.97
CA LEU A 187 -12.16 2.90 -24.47
C LEU A 187 -11.50 1.53 -24.24
N MET A 188 -11.95 0.75 -23.26
CA MET A 188 -11.59 -0.69 -23.11
C MET A 188 -11.79 -1.43 -24.44
N ASP A 189 -10.71 -2.00 -24.94
CA ASP A 189 -10.71 -2.83 -26.17
C ASP A 189 -11.76 -3.93 -25.99
N HIS A 190 -12.88 -3.86 -26.73
CA HIS A 190 -13.89 -4.94 -26.80
C HIS A 190 -13.80 -5.69 -28.12
N THR A 191 -12.73 -5.49 -28.89
CA THR A 191 -12.61 -6.04 -30.26
C THR A 191 -12.20 -7.52 -30.15
N ILE A 192 -12.53 -8.30 -31.17
CA ILE A 192 -11.92 -9.63 -31.48
C ILE A 192 -10.50 -9.31 -31.93
N PRO A 193 -9.44 -10.04 -31.50
CA PRO A 193 -8.07 -9.75 -31.96
C PRO A 193 -7.82 -10.01 -33.45
N GLU A 194 -6.82 -9.31 -33.97
CA GLU A 194 -6.37 -9.36 -35.39
C GLU A 194 -5.30 -10.47 -35.53
N VAL A 195 -5.19 -11.04 -36.74
CA VAL A 195 -4.14 -12.05 -37.10
C VAL A 195 -3.41 -11.55 -38.35
N ALA B 3 8.36 34.23 -14.79
CA ALA B 3 6.95 34.71 -14.55
C ALA B 3 6.43 35.40 -15.82
N GLU B 4 7.36 35.83 -16.69
CA GLU B 4 7.11 36.51 -17.99
C GLU B 4 6.02 35.74 -18.77
N ILE B 5 4.93 36.43 -19.13
CA ILE B 5 3.84 35.85 -19.97
C ILE B 5 4.41 35.54 -21.36
N LYS B 6 4.33 34.27 -21.78
CA LYS B 6 4.89 33.76 -23.05
C LYS B 6 3.85 33.96 -24.17
N GLN B 7 4.24 34.65 -25.24
CA GLN B 7 3.40 34.87 -26.45
C GLN B 7 3.26 33.52 -27.19
N GLY B 8 2.22 33.37 -28.00
CA GLY B 8 1.97 32.13 -28.75
C GLY B 8 1.66 30.96 -27.83
N ILE B 9 1.43 29.79 -28.44
CA ILE B 9 0.69 28.63 -27.87
C ILE B 9 1.66 27.47 -27.62
N ARG B 10 1.50 26.73 -26.52
CA ARG B 10 2.34 25.54 -26.22
C ARG B 10 1.46 24.31 -26.02
N GLU B 11 2.04 23.11 -26.22
CA GLU B 11 1.34 21.82 -26.05
C GLU B 11 1.85 21.32 -24.71
N VAL B 12 0.97 20.96 -23.77
CA VAL B 12 1.35 20.22 -22.53
C VAL B 12 0.70 18.83 -22.59
N ILE B 13 1.33 17.85 -21.95
CA ILE B 13 0.92 16.41 -21.97
C ILE B 13 0.69 15.98 -20.51
N LEU B 14 -0.54 15.60 -20.14
CA LEU B 14 -0.91 15.17 -18.75
C LEU B 14 -1.24 13.69 -18.72
N CYS B 15 -0.89 13.04 -17.61
CA CYS B 15 -1.27 11.66 -17.24
C CYS B 15 -2.23 11.79 -16.05
N LYS B 16 -3.50 11.39 -16.20
CA LYS B 16 -4.35 11.13 -15.01
C LYS B 16 -3.60 10.30 -13.96
N ASP B 17 -3.75 10.66 -12.69
CA ASP B 17 -3.08 9.99 -11.57
C ASP B 17 -3.89 8.74 -11.22
N GLN B 18 -3.45 7.96 -10.24
CA GLN B 18 -4.11 6.67 -9.90
C GLN B 18 -5.55 6.92 -9.44
N ASP B 19 -5.94 8.14 -9.03
CA ASP B 19 -7.35 8.41 -8.64
C ASP B 19 -8.19 8.90 -9.84
N GLY B 20 -7.66 8.94 -11.07
CA GLY B 20 -8.37 9.41 -12.29
C GLY B 20 -8.35 10.94 -12.41
N LYS B 21 -7.65 11.61 -11.51
CA LYS B 21 -7.58 13.08 -11.30
C LYS B 21 -6.52 13.70 -12.20
N ILE B 22 -6.77 14.94 -12.57
CA ILE B 22 -5.90 15.81 -13.41
C ILE B 22 -5.40 16.93 -12.50
N GLY B 23 -6.27 17.33 -11.55
CA GLY B 23 -6.22 18.51 -10.66
C GLY B 23 -6.66 19.84 -11.29
N LEU B 24 -7.55 19.90 -12.28
CA LEU B 24 -7.97 21.19 -12.94
C LEU B 24 -9.44 21.52 -12.62
N ARG B 25 -9.78 22.78 -12.47
CA ARG B 25 -11.17 23.22 -12.79
C ARG B 25 -11.09 24.22 -13.94
N LEU B 26 -11.96 24.04 -14.92
CA LEU B 26 -12.07 24.84 -16.15
C LEU B 26 -13.32 25.71 -16.04
N LYS B 27 -13.27 26.91 -16.61
CA LYS B 27 -14.41 27.82 -16.73
C LYS B 27 -14.44 28.43 -18.13
N SER B 28 -15.66 28.49 -18.66
CA SER B 28 -16.06 29.18 -19.90
C SER B 28 -16.03 30.70 -19.69
N ILE B 29 -15.18 31.41 -20.44
CA ILE B 29 -15.13 32.90 -20.45
C ILE B 29 -15.09 33.38 -21.91
N ASP B 30 -16.02 34.26 -22.31
CA ASP B 30 -16.02 34.89 -23.64
C ASP B 30 -15.84 33.82 -24.73
N ASN B 31 -16.44 32.65 -24.55
CA ASN B 31 -16.43 31.50 -25.48
C ASN B 31 -15.05 30.86 -25.61
N GLY B 32 -14.15 31.05 -24.65
CA GLY B 32 -13.01 30.14 -24.43
C GLY B 32 -13.19 29.37 -23.14
N ILE B 33 -12.16 28.59 -22.84
CA ILE B 33 -12.02 27.78 -21.60
C ILE B 33 -10.75 28.22 -20.91
N PHE B 34 -10.83 28.56 -19.64
CA PHE B 34 -9.70 29.02 -18.81
C PHE B 34 -9.59 28.16 -17.55
N VAL B 35 -8.40 28.08 -16.99
CA VAL B 35 -8.14 27.35 -15.72
C VAL B 35 -8.57 28.24 -14.55
N GLN B 36 -9.55 27.80 -13.75
CA GLN B 36 -9.97 28.53 -12.53
C GLN B 36 -9.29 27.93 -11.30
N LEU B 37 -8.80 26.69 -11.38
CA LEU B 37 -8.05 26.03 -10.28
C LEU B 37 -7.04 25.03 -10.86
N VAL B 38 -5.80 25.09 -10.38
CA VAL B 38 -4.80 23.97 -10.47
C VAL B 38 -4.60 23.46 -9.03
N GLN B 39 -4.67 22.14 -8.81
CA GLN B 39 -4.49 21.55 -7.44
C GLN B 39 -3.00 21.37 -7.13
N ALA B 40 -2.63 21.73 -5.90
CA ALA B 40 -1.33 21.36 -5.27
C ALA B 40 -1.10 19.85 -5.53
N ASN B 41 0.04 19.45 -6.11
CA ASN B 41 0.50 18.02 -6.18
C ASN B 41 -0.40 17.17 -7.09
N SER B 42 -0.83 17.73 -8.20
CA SER B 42 -1.70 17.10 -9.22
C SER B 42 -0.82 16.91 -10.43
N PRO B 43 -1.22 16.12 -11.44
CA PRO B 43 -0.54 16.17 -12.72
C PRO B 43 -0.55 17.59 -13.29
N ALA B 44 -1.66 18.34 -13.08
CA ALA B 44 -1.77 19.72 -13.63
C ALA B 44 -0.62 20.57 -13.06
N SER B 45 -0.36 20.49 -11.75
CA SER B 45 0.71 21.32 -11.11
C SER B 45 2.07 20.82 -11.57
N LEU B 46 2.28 19.51 -11.69
CA LEU B 46 3.58 18.95 -12.14
C LEU B 46 3.94 19.45 -13.53
N VAL B 47 3.01 19.44 -14.51
CA VAL B 47 3.32 19.89 -15.91
C VAL B 47 3.20 21.42 -16.06
N GLY B 48 3.02 22.18 -14.99
CA GLY B 48 3.18 23.65 -15.06
C GLY B 48 1.97 24.38 -15.60
N LEU B 49 0.78 23.77 -15.61
CA LEU B 49 -0.48 24.55 -15.86
C LEU B 49 -0.73 25.56 -14.73
N ARG B 50 -1.36 26.70 -15.07
CA ARG B 50 -1.47 27.89 -14.20
C ARG B 50 -2.90 28.42 -14.22
N PHE B 51 -3.42 28.82 -13.06
CA PHE B 51 -4.59 29.72 -13.03
C PHE B 51 -4.47 30.77 -14.16
N GLY B 52 -5.49 30.89 -14.96
CA GLY B 52 -5.50 31.95 -15.96
C GLY B 52 -5.14 31.40 -17.32
N ASP B 53 -4.44 30.25 -17.41
CA ASP B 53 -4.14 29.62 -18.70
C ASP B 53 -5.45 29.40 -19.46
N GLN B 54 -5.38 29.55 -20.77
CA GLN B 54 -6.51 29.30 -21.68
C GLN B 54 -6.24 27.95 -22.32
N VAL B 55 -7.27 27.11 -22.40
CA VAL B 55 -7.15 25.79 -23.07
C VAL B 55 -7.83 25.92 -24.44
N LEU B 56 -7.04 25.89 -25.51
CA LEU B 56 -7.49 26.00 -26.92
C LEU B 56 -8.00 24.62 -27.34
N GLN B 57 -7.27 23.58 -26.99
CA GLN B 57 -7.67 22.21 -27.39
C GLN B 57 -7.31 21.17 -26.34
N ILE B 58 -8.14 20.14 -26.30
CA ILE B 58 -7.94 18.92 -25.47
C ILE B 58 -7.99 17.73 -26.42
N ASN B 59 -6.89 17.00 -26.48
CA ASN B 59 -6.74 15.85 -27.40
C ASN B 59 -7.07 16.30 -28.82
N GLY B 60 -6.69 17.52 -29.23
CA GLY B 60 -6.88 17.98 -30.61
C GLY B 60 -8.31 18.41 -30.89
N GLU B 61 -9.21 18.42 -29.89
CA GLU B 61 -10.55 19.02 -30.06
C GLU B 61 -10.52 20.48 -29.61
N ASN B 62 -11.08 21.39 -30.41
CA ASN B 62 -11.16 22.83 -30.05
C ASN B 62 -12.16 23.07 -28.90
N CYS B 63 -11.77 23.82 -27.90
CA CYS B 63 -12.62 24.13 -26.74
C CYS B 63 -13.58 25.29 -27.04
N ALA B 64 -13.40 26.00 -28.14
CA ALA B 64 -14.21 27.19 -28.49
C ALA B 64 -15.70 26.88 -28.31
N GLY B 65 -16.41 27.71 -27.54
CA GLY B 65 -17.86 27.62 -27.32
C GLY B 65 -18.22 26.56 -26.27
N TRP B 66 -17.28 25.82 -25.70
CA TRP B 66 -17.65 24.74 -24.73
C TRP B 66 -18.12 25.37 -23.42
N SER B 67 -19.21 24.86 -22.83
CA SER B 67 -19.58 25.14 -21.43
C SER B 67 -18.52 24.56 -20.49
N SER B 68 -18.43 25.09 -19.26
CA SER B 68 -17.57 24.56 -18.18
C SER B 68 -17.96 23.09 -17.95
N ASP B 69 -19.24 22.75 -18.04
CA ASP B 69 -19.70 21.34 -17.86
C ASP B 69 -19.16 20.48 -19.00
N LYS B 70 -19.18 20.96 -20.24
CA LYS B 70 -18.66 20.12 -21.35
C LYS B 70 -17.15 19.86 -21.19
N ALA B 71 -16.38 20.83 -20.74
CA ALA B 71 -14.91 20.70 -20.66
C ALA B 71 -14.57 19.63 -19.60
N HIS B 72 -15.10 19.78 -18.40
CA HIS B 72 -15.02 18.80 -17.27
C HIS B 72 -15.44 17.40 -17.74
N LYS B 73 -16.53 17.32 -18.49
CA LYS B 73 -16.99 16.02 -19.04
C LYS B 73 -15.90 15.45 -19.92
N VAL B 74 -15.30 16.28 -20.75
CA VAL B 74 -14.32 15.76 -21.75
C VAL B 74 -13.11 15.20 -20.97
N LEU B 75 -12.74 15.84 -19.87
CA LEU B 75 -11.56 15.44 -19.07
C LEU B 75 -11.91 14.13 -18.34
N LYS B 76 -13.05 14.15 -17.65
CA LYS B 76 -13.65 12.99 -16.93
C LYS B 76 -13.60 11.78 -17.87
N GLN B 77 -14.02 11.96 -19.13
CA GLN B 77 -14.14 10.86 -20.15
C GLN B 77 -12.82 10.50 -20.84
N ALA B 78 -11.75 11.28 -20.71
CA ALA B 78 -10.46 11.00 -21.39
C ALA B 78 -9.72 9.76 -20.84
N PHE B 79 -9.12 8.93 -21.69
CA PHE B 79 -8.08 7.94 -21.30
C PHE B 79 -7.00 8.69 -20.50
N GLY B 80 -6.55 8.17 -19.37
CA GLY B 80 -5.64 8.96 -18.51
C GLY B 80 -4.20 8.87 -18.96
N GLU B 81 -3.87 8.10 -20.00
CA GLU B 81 -2.46 7.84 -20.37
C GLU B 81 -1.80 9.11 -20.90
N LYS B 82 -2.29 9.65 -22.03
CA LYS B 82 -1.80 10.92 -22.64
C LYS B 82 -3.01 11.82 -22.95
N ILE B 83 -3.07 12.92 -22.24
CA ILE B 83 -4.03 14.00 -22.48
C ILE B 83 -3.18 15.14 -23.03
N THR B 84 -3.36 15.44 -24.31
CA THR B 84 -2.70 16.63 -24.91
C THR B 84 -3.58 17.85 -24.65
N MET B 85 -2.98 18.90 -24.11
CA MET B 85 -3.60 20.26 -24.13
C MET B 85 -2.77 21.29 -24.91
N THR B 86 -3.42 22.03 -25.77
CA THR B 86 -2.84 23.25 -26.37
C THR B 86 -3.20 24.45 -25.50
N ILE B 87 -2.20 25.17 -25.04
CA ILE B 87 -2.37 26.21 -24.00
C ILE B 87 -1.90 27.57 -24.53
N ARG B 88 -2.65 28.62 -24.26
CA ARG B 88 -2.17 30.01 -24.37
C ARG B 88 -1.93 30.50 -22.96
N ASP B 89 -0.77 31.05 -22.70
CA ASP B 89 -0.24 31.34 -21.36
C ASP B 89 -0.98 32.55 -20.81
N ARG B 90 -1.68 32.36 -19.68
CA ARG B 90 -2.34 33.40 -18.84
C ARG B 90 -2.71 34.68 -19.63
N PRO B 91 -3.54 34.61 -20.67
CA PRO B 91 -3.72 35.73 -21.58
C PRO B 91 -4.47 36.94 -20.99
N PHE B 92 -5.18 36.81 -19.87
CA PHE B 92 -5.82 38.01 -19.24
C PHE B 92 -4.88 38.67 -18.25
N GLU B 93 -3.64 38.21 -18.15
CA GLU B 93 -2.69 38.69 -17.14
C GLU B 93 -1.47 39.29 -17.78
N ARG B 94 -0.74 40.08 -17.02
CA ARG B 94 0.58 40.65 -17.36
C ARG B 94 1.43 40.63 -16.12
N THR B 95 2.72 40.83 -16.27
CA THR B 95 3.59 40.89 -15.07
C THR B 95 4.34 42.19 -15.10
N ILE B 96 4.54 42.73 -13.93
CA ILE B 96 5.22 44.01 -13.70
C ILE B 96 6.39 43.66 -12.78
N THR B 97 7.59 44.19 -13.07
CA THR B 97 8.80 44.08 -12.22
C THR B 97 9.03 45.40 -11.49
N MET B 98 9.26 45.29 -10.20
CA MET B 98 9.44 46.38 -9.24
C MET B 98 10.65 46.11 -8.34
N HIS B 99 11.23 47.15 -7.77
CA HIS B 99 12.45 47.05 -6.91
C HIS B 99 12.03 47.59 -5.55
N LYS B 100 12.18 46.80 -4.49
CA LYS B 100 11.86 47.27 -3.13
C LYS B 100 12.72 48.50 -2.87
N ASP B 101 12.25 49.47 -2.12
CA ASP B 101 13.08 50.64 -1.77
C ASP B 101 13.78 50.29 -0.43
N SER B 102 14.43 51.25 0.24
CA SER B 102 15.28 51.00 1.43
C SER B 102 14.42 50.52 2.60
N THR B 103 13.10 50.75 2.58
CA THR B 103 12.14 50.30 3.63
C THR B 103 11.59 48.92 3.29
N GLY B 104 11.90 48.35 2.12
CA GLY B 104 11.34 47.05 1.69
C GLY B 104 9.97 47.17 0.99
N HIS B 105 9.60 48.34 0.49
CA HIS B 105 8.26 48.60 -0.11
C HIS B 105 8.36 48.78 -1.61
N VAL B 106 7.40 48.24 -2.36
CA VAL B 106 7.37 48.43 -3.83
C VAL B 106 6.41 49.56 -4.16
N GLY B 107 5.44 49.79 -3.28
CA GLY B 107 4.66 51.03 -3.28
C GLY B 107 3.20 50.86 -3.65
N PHE B 108 2.50 49.87 -3.12
CA PHE B 108 1.02 49.87 -3.24
C PHE B 108 0.26 49.50 -1.97
N ILE B 109 -1.05 49.78 -1.99
CA ILE B 109 -1.98 49.25 -0.97
C ILE B 109 -2.89 48.21 -1.65
N PHE B 110 -3.26 47.16 -0.92
CA PHE B 110 -4.15 46.11 -1.48
C PHE B 110 -5.07 45.69 -0.34
N LYS B 111 -6.23 45.15 -0.70
CA LYS B 111 -7.27 44.58 0.16
C LYS B 111 -7.98 43.46 -0.59
N ASN B 112 -8.24 42.33 0.08
CA ASN B 112 -8.69 41.03 -0.49
C ASN B 112 -7.95 40.72 -1.81
N GLY B 113 -6.61 40.74 -1.84
CA GLY B 113 -5.90 40.39 -3.08
C GLY B 113 -5.91 41.48 -4.15
N LYS B 114 -6.58 42.63 -3.94
CA LYS B 114 -6.83 43.63 -5.01
C LYS B 114 -6.13 44.95 -4.72
N ILE B 115 -5.26 45.36 -5.63
CA ILE B 115 -4.51 46.65 -5.59
C ILE B 115 -5.55 47.77 -5.62
N THR B 116 -5.53 48.64 -4.61
CA THR B 116 -6.49 49.75 -4.41
C THR B 116 -5.76 51.08 -4.46
N SER B 117 -4.45 51.14 -4.26
CA SER B 117 -3.79 52.44 -4.44
C SER B 117 -2.27 52.29 -4.67
N ILE B 118 -1.73 53.21 -5.45
CA ILE B 118 -0.32 53.28 -5.88
C ILE B 118 0.33 54.41 -5.08
N VAL B 119 1.39 54.10 -4.34
CA VAL B 119 2.08 55.12 -3.51
C VAL B 119 2.85 56.00 -4.50
N LYS B 120 2.90 57.29 -4.18
CA LYS B 120 3.62 58.36 -4.91
C LYS B 120 5.12 58.04 -4.96
N ASP B 121 5.77 58.28 -6.11
CA ASP B 121 7.27 58.22 -6.20
C ASP B 121 7.81 56.86 -5.75
N SER B 122 7.09 55.78 -6.02
CA SER B 122 7.45 54.37 -5.69
C SER B 122 7.84 53.60 -6.96
N SER B 123 8.41 52.43 -6.74
CA SER B 123 8.67 51.51 -7.87
C SER B 123 7.34 51.16 -8.57
N ALA B 124 6.26 50.96 -7.82
CA ALA B 124 4.93 50.62 -8.38
C ALA B 124 4.48 51.76 -9.31
N ALA B 125 4.76 53.00 -8.95
CA ALA B 125 4.43 54.19 -9.78
C ALA B 125 5.32 54.27 -11.02
N ARG B 126 6.64 54.11 -10.90
CA ARG B 126 7.54 54.18 -12.10
C ARG B 126 7.17 53.07 -13.08
N ASN B 127 6.66 51.91 -12.59
CA ASN B 127 6.43 50.75 -13.49
C ASN B 127 4.97 50.64 -13.98
N GLY B 128 4.09 51.59 -13.61
CA GLY B 128 2.70 51.72 -14.09
C GLY B 128 1.78 50.66 -13.50
N LEU B 129 2.00 50.27 -12.24
CA LEU B 129 1.12 49.32 -11.53
C LEU B 129 -0.26 49.97 -11.49
N LEU B 130 -1.28 49.18 -11.80
CA LEU B 130 -2.67 49.65 -11.90
C LEU B 130 -3.48 49.17 -10.68
N THR B 131 -4.48 49.96 -10.32
CA THR B 131 -5.46 49.58 -9.27
C THR B 131 -6.56 48.77 -9.92
N GLU B 132 -7.52 48.32 -9.12
CA GLU B 132 -8.64 47.48 -9.60
C GLU B 132 -8.08 46.29 -10.38
N HIS B 133 -6.90 45.78 -9.98
CA HIS B 133 -6.34 44.52 -10.49
C HIS B 133 -6.12 43.55 -9.33
N ASN B 134 -6.42 42.30 -9.53
CA ASN B 134 -6.16 41.23 -8.51
C ASN B 134 -4.74 40.71 -8.66
N ILE B 135 -4.07 40.50 -7.56
CA ILE B 135 -2.72 39.85 -7.48
C ILE B 135 -2.89 38.36 -7.70
N CYS B 136 -2.39 37.80 -8.82
CA CYS B 136 -2.46 36.34 -9.14
C CYS B 136 -1.16 35.64 -8.72
N GLU B 137 -0.02 36.26 -8.95
CA GLU B 137 1.25 35.57 -8.64
C GLU B 137 2.20 36.62 -8.13
N ILE B 138 3.04 36.22 -7.19
CA ILE B 138 4.28 36.93 -6.81
C ILE B 138 5.49 36.08 -7.13
N ASN B 139 6.44 36.62 -7.89
CA ASN B 139 7.64 35.90 -8.35
C ASN B 139 7.23 34.55 -8.91
N GLY B 140 6.12 34.50 -9.64
CA GLY B 140 5.68 33.25 -10.29
C GLY B 140 4.91 32.32 -9.37
N GLN B 141 4.79 32.65 -8.09
CA GLN B 141 4.00 31.86 -7.09
C GLN B 141 2.55 32.35 -7.07
N ASN B 142 1.63 31.45 -7.37
CA ASN B 142 0.17 31.65 -7.21
C ASN B 142 -0.13 31.97 -5.73
N VAL B 143 -0.81 33.11 -5.52
CA VAL B 143 -1.22 33.57 -4.17
C VAL B 143 -2.75 33.71 -4.10
N ILE B 144 -3.48 33.06 -5.01
CA ILE B 144 -4.94 33.17 -5.09
C ILE B 144 -5.58 32.30 -4.01
N GLY B 145 -6.42 32.94 -3.22
CA GLY B 145 -7.10 32.37 -2.06
C GLY B 145 -6.31 32.60 -0.79
N LEU B 146 -5.09 33.13 -0.83
CA LEU B 146 -4.31 33.44 0.39
C LEU B 146 -4.85 34.71 1.03
N LYS B 147 -4.63 34.86 2.35
CA LYS B 147 -5.12 36.06 3.08
C LYS B 147 -4.14 37.21 2.88
N ASP B 148 -4.61 38.43 2.98
CA ASP B 148 -3.74 39.61 2.76
C ASP B 148 -2.44 39.48 3.54
N SER B 149 -2.47 38.97 4.76
CA SER B 149 -1.22 38.92 5.56
C SER B 149 -0.29 37.87 4.97
N GLN B 150 -0.83 36.79 4.42
CA GLN B 150 0.00 35.77 3.73
C GLN B 150 0.64 36.42 2.50
N ILE B 151 -0.13 37.17 1.70
CA ILE B 151 0.44 37.89 0.51
C ILE B 151 1.47 38.90 1.02
N ALA B 152 1.18 39.62 2.09
CA ALA B 152 2.17 40.58 2.66
C ALA B 152 3.49 39.85 3.06
N ASP B 153 3.42 38.69 3.71
CA ASP B 153 4.62 37.92 4.13
C ASP B 153 5.45 37.50 2.91
N ILE B 154 4.80 36.99 1.87
CA ILE B 154 5.47 36.52 0.63
C ILE B 154 6.18 37.72 -0.03
N LEU B 155 5.55 38.92 -0.07
CA LEU B 155 6.25 40.13 -0.54
C LEU B 155 7.45 40.40 0.35
N SER B 156 7.29 40.39 1.66
CA SER B 156 8.39 40.71 2.62
C SER B 156 9.55 39.72 2.48
N THR B 157 9.31 38.43 2.40
CA THR B 157 10.39 37.40 2.28
C THR B 157 11.02 37.44 0.89
N SER B 158 10.39 38.08 -0.08
CA SER B 158 10.95 38.21 -1.44
C SER B 158 12.27 38.98 -1.38
N GLY B 159 13.13 38.82 -2.38
CA GLY B 159 14.31 39.69 -2.54
C GLY B 159 13.90 41.06 -3.02
N THR B 160 14.87 41.91 -3.36
CA THR B 160 14.66 43.31 -3.80
C THR B 160 13.80 43.34 -5.06
N VAL B 161 14.00 42.38 -5.94
CA VAL B 161 13.26 42.30 -7.23
C VAL B 161 12.00 41.49 -6.99
N VAL B 162 10.84 42.09 -7.28
CA VAL B 162 9.52 41.45 -7.10
C VAL B 162 8.78 41.61 -8.44
N THR B 163 8.40 40.48 -9.04
CA THR B 163 7.50 40.42 -10.22
C THR B 163 6.09 40.13 -9.70
N ILE B 164 5.10 40.93 -10.11
CA ILE B 164 3.69 40.70 -9.70
C ILE B 164 2.96 40.37 -10.99
N THR B 165 2.09 39.37 -10.94
CA THR B 165 1.21 38.97 -12.06
C THR B 165 -0.19 39.45 -11.64
N ILE B 166 -0.79 40.34 -12.44
CA ILE B 166 -2.09 40.97 -12.16
C ILE B 166 -3.08 40.67 -13.28
N MET B 167 -4.36 40.86 -12.94
CA MET B 167 -5.51 40.57 -13.82
C MET B 167 -6.57 41.60 -13.46
N PRO B 168 -7.23 42.26 -14.46
CA PRO B 168 -8.33 43.18 -14.18
C PRO B 168 -9.34 42.49 -13.25
N ALA B 169 -9.82 43.21 -12.25
CA ALA B 169 -10.71 42.67 -11.19
C ALA B 169 -11.95 42.07 -11.82
N PHE B 170 -12.50 42.73 -12.83
N PHE B 170 -12.57 42.75 -12.77
CA PHE B 170 -13.76 42.36 -13.52
CA PHE B 170 -13.82 42.28 -13.45
C PHE B 170 -13.62 40.97 -14.17
C PHE B 170 -13.57 40.87 -14.02
N ILE B 171 -12.42 40.67 -14.69
CA ILE B 171 -12.14 39.35 -15.32
C ILE B 171 -11.85 38.35 -14.20
N PHE B 172 -11.08 38.71 -13.18
CA PHE B 172 -10.80 37.84 -12.01
C PHE B 172 -12.13 37.44 -11.32
N GLU B 173 -13.03 38.40 -11.08
CA GLU B 173 -14.35 38.04 -10.50
C GLU B 173 -15.08 37.03 -11.43
N HIS B 174 -14.97 37.13 -12.75
CA HIS B 174 -15.68 36.24 -13.72
C HIS B 174 -15.07 34.83 -13.68
N ILE B 175 -13.76 34.69 -13.61
CA ILE B 175 -13.06 33.38 -13.64
C ILE B 175 -13.35 32.57 -12.36
N ILE B 176 -13.55 33.22 -11.20
CA ILE B 176 -13.67 32.46 -9.92
C ILE B 176 -15.14 32.06 -9.63
N LYS B 177 -16.12 32.58 -10.37
CA LYS B 177 -17.55 32.14 -10.31
C LYS B 177 -17.70 30.64 -10.60
N ARG B 178 -18.76 30.01 -10.05
CA ARG B 178 -19.04 28.54 -10.09
C ARG B 178 -17.90 27.77 -9.42
N MET B 179 -17.24 28.34 -8.41
CA MET B 179 -16.23 27.68 -7.55
C MET B 179 -16.42 28.13 -6.11
N ALA B 180 -16.77 27.20 -5.21
CA ALA B 180 -16.84 27.35 -3.74
C ALA B 180 -15.59 28.06 -3.27
N PRO B 181 -15.70 29.26 -2.65
CA PRO B 181 -14.52 29.96 -2.12
C PRO B 181 -13.64 29.08 -1.22
N SER B 182 -14.22 28.03 -0.66
CA SER B 182 -13.56 27.12 0.32
C SER B 182 -12.67 26.15 -0.43
N ILE B 183 -13.10 25.70 -1.61
CA ILE B 183 -12.27 24.89 -2.55
C ILE B 183 -11.04 25.73 -2.97
N MET B 184 -11.28 26.98 -3.40
CA MET B 184 -10.25 27.89 -3.98
C MET B 184 -9.18 28.16 -2.92
N LYS B 185 -9.56 28.26 -1.67
CA LYS B 185 -8.64 28.51 -0.55
C LYS B 185 -7.91 27.21 -0.21
N SER B 186 -8.60 26.10 -0.23
CA SER B 186 -8.05 24.87 0.37
C SER B 186 -7.19 24.14 -0.67
N LEU B 187 -7.51 24.27 -1.97
CA LEU B 187 -6.95 23.36 -3.01
C LEU B 187 -5.96 24.08 -3.93
N MET B 188 -5.92 25.41 -3.97
CA MET B 188 -5.13 26.15 -5.00
C MET B 188 -3.64 25.91 -4.74
N ASP B 189 -2.97 25.51 -5.79
CA ASP B 189 -1.50 25.40 -5.93
C ASP B 189 -0.81 26.70 -5.55
N HIS B 190 0.15 26.61 -4.66
CA HIS B 190 0.99 27.74 -4.23
C HIS B 190 2.44 27.31 -4.29
N THR B 191 2.76 26.30 -5.06
CA THR B 191 4.20 25.89 -5.17
C THR B 191 5.09 27.03 -5.67
N ILE B 192 6.31 27.05 -5.21
CA ILE B 192 7.36 27.94 -5.73
C ILE B 192 7.88 27.33 -7.05
N PRO B 193 7.93 28.15 -8.12
CA PRO B 193 8.48 27.73 -9.42
C PRO B 193 9.84 27.05 -9.29
N GLU B 194 9.94 25.88 -9.91
CA GLU B 194 11.16 25.06 -9.97
C GLU B 194 11.86 25.34 -11.30
N VAL B 195 13.15 25.07 -11.36
CA VAL B 195 13.82 24.84 -12.65
C VAL B 195 14.28 23.39 -12.71
N ALA C 3 1.53 -30.38 -6.03
CA ALA C 3 1.81 -28.90 -6.00
C ALA C 3 0.95 -28.19 -7.06
N GLU C 4 1.16 -28.52 -8.34
CA GLU C 4 0.90 -27.66 -9.53
C GLU C 4 -0.46 -28.04 -10.13
N ILE C 5 -1.31 -27.02 -10.41
CA ILE C 5 -2.79 -27.13 -10.61
C ILE C 5 -3.08 -27.91 -11.92
N LYS C 6 -3.10 -29.26 -11.82
CA LYS C 6 -3.73 -30.20 -12.80
C LYS C 6 -5.20 -29.78 -12.96
N GLN C 7 -5.54 -29.27 -14.14
CA GLN C 7 -6.77 -28.44 -14.35
C GLN C 7 -7.90 -29.30 -14.94
N GLY C 8 -8.93 -28.61 -15.47
CA GLY C 8 -10.32 -29.08 -15.60
C GLY C 8 -10.78 -29.87 -14.37
N ILE C 9 -11.58 -30.89 -14.68
CA ILE C 9 -12.61 -31.54 -13.87
C ILE C 9 -12.22 -33.02 -13.83
N ARG C 10 -12.35 -33.70 -12.70
CA ARG C 10 -12.03 -35.15 -12.67
C ARG C 10 -13.04 -35.87 -11.79
N GLU C 11 -13.23 -37.17 -12.01
CA GLU C 11 -14.11 -38.00 -11.18
C GLU C 11 -13.27 -38.60 -10.06
N VAL C 12 -13.74 -38.57 -8.80
CA VAL C 12 -13.18 -39.44 -7.72
C VAL C 12 -14.26 -40.42 -7.27
N ILE C 13 -13.82 -41.60 -6.84
CA ILE C 13 -14.69 -42.68 -6.26
C ILE C 13 -14.19 -42.94 -4.84
N LEU C 14 -15.05 -42.94 -3.83
CA LEU C 14 -14.65 -43.09 -2.40
C LEU C 14 -15.50 -44.19 -1.78
N CYS C 15 -15.02 -44.77 -0.68
CA CYS C 15 -15.83 -45.61 0.24
C CYS C 15 -15.77 -45.00 1.63
N LYS C 16 -16.92 -44.92 2.31
CA LYS C 16 -16.93 -44.64 3.76
C LYS C 16 -15.97 -45.65 4.41
N ASP C 17 -15.28 -45.22 5.46
CA ASP C 17 -14.35 -46.08 6.25
C ASP C 17 -15.15 -46.82 7.33
N GLN C 18 -14.44 -47.60 8.14
CA GLN C 18 -15.01 -48.52 9.15
C GLN C 18 -15.86 -47.74 10.18
N ASP C 19 -15.75 -46.41 10.22
CA ASP C 19 -16.52 -45.54 11.15
C ASP C 19 -17.59 -44.76 10.38
N GLY C 20 -17.92 -45.18 9.15
CA GLY C 20 -18.85 -44.48 8.23
C GLY C 20 -18.40 -43.07 7.81
N LYS C 21 -17.09 -42.79 7.75
CA LYS C 21 -16.52 -41.43 7.51
C LYS C 21 -15.74 -41.44 6.18
N ILE C 22 -15.71 -40.31 5.47
CA ILE C 22 -14.77 -40.08 4.33
C ILE C 22 -13.71 -39.07 4.74
N GLY C 23 -13.93 -38.24 5.78
CA GLY C 23 -12.92 -37.33 6.33
C GLY C 23 -12.84 -36.00 5.57
N LEU C 24 -14.01 -35.39 5.37
CA LEU C 24 -14.21 -34.07 4.72
C LEU C 24 -15.03 -33.12 5.59
N ARG C 25 -14.72 -31.83 5.45
CA ARG C 25 -15.66 -30.73 5.73
C ARG C 25 -15.77 -29.92 4.45
N LEU C 26 -17.00 -29.55 4.12
CA LEU C 26 -17.35 -28.84 2.89
C LEU C 26 -17.96 -27.51 3.32
N LYS C 27 -17.85 -26.48 2.47
CA LYS C 27 -18.27 -25.10 2.77
C LYS C 27 -18.87 -24.51 1.50
N SER C 28 -19.97 -23.79 1.67
CA SER C 28 -20.68 -23.04 0.60
C SER C 28 -19.85 -21.80 0.35
N ILE C 29 -19.38 -21.60 -0.88
CA ILE C 29 -18.75 -20.32 -1.30
C ILE C 29 -19.33 -19.91 -2.66
N ASP C 30 -19.85 -18.70 -2.78
CA ASP C 30 -20.34 -18.15 -4.08
C ASP C 30 -21.24 -19.17 -4.79
N ASN C 31 -22.16 -19.80 -4.06
CA ASN C 31 -23.11 -20.83 -4.56
C ASN C 31 -22.44 -22.04 -5.21
N GLY C 32 -21.17 -22.28 -4.85
CA GLY C 32 -20.58 -23.61 -5.03
C GLY C 32 -20.25 -24.25 -3.69
N ILE C 33 -19.71 -25.46 -3.76
CA ILE C 33 -19.28 -26.20 -2.57
C ILE C 33 -17.79 -26.46 -2.65
N PHE C 34 -17.07 -26.16 -1.55
CA PHE C 34 -15.60 -26.29 -1.48
C PHE C 34 -15.21 -27.12 -0.25
N VAL C 35 -14.06 -27.77 -0.36
CA VAL C 35 -13.42 -28.52 0.76
C VAL C 35 -12.70 -27.54 1.69
N GLN C 36 -13.14 -27.42 2.96
CA GLN C 36 -12.42 -26.60 3.97
C GLN C 36 -11.55 -27.52 4.84
N LEU C 37 -11.71 -28.84 4.76
CA LEU C 37 -10.82 -29.76 5.49
C LEU C 37 -10.87 -31.19 4.94
N VAL C 38 -9.69 -31.74 4.77
CA VAL C 38 -9.43 -33.16 4.46
C VAL C 38 -8.63 -33.69 5.66
N GLN C 39 -9.06 -34.76 6.35
CA GLN C 39 -8.22 -35.34 7.44
C GLN C 39 -7.16 -36.28 6.87
N ALA C 40 -5.99 -36.34 7.50
CA ALA C 40 -4.95 -37.35 7.17
C ALA C 40 -5.50 -38.78 7.29
N ASN C 41 -5.03 -39.68 6.42
N ASN C 41 -4.90 -39.68 6.50
CA ASN C 41 -5.30 -41.15 6.54
CA ASN C 41 -5.26 -41.12 6.30
C ASN C 41 -6.75 -41.47 6.17
C ASN C 41 -6.78 -41.30 6.42
N SER C 42 -7.52 -40.47 5.67
CA SER C 42 -8.98 -40.62 5.45
C SER C 42 -9.17 -41.11 4.02
N PRO C 43 -10.31 -41.71 3.69
CA PRO C 43 -10.60 -42.04 2.30
C PRO C 43 -10.50 -40.82 1.36
N ALA C 44 -10.89 -39.63 1.85
CA ALA C 44 -10.83 -38.36 1.09
C ALA C 44 -9.36 -38.05 0.78
N SER C 45 -8.46 -38.12 1.76
CA SER C 45 -7.04 -37.78 1.51
C SER C 45 -6.49 -38.79 0.50
N LEU C 46 -6.72 -40.07 0.76
CA LEU C 46 -6.13 -41.17 -0.02
C LEU C 46 -6.47 -41.06 -1.52
N VAL C 47 -7.69 -40.68 -1.90
CA VAL C 47 -8.11 -40.60 -3.33
C VAL C 47 -7.68 -39.26 -3.94
N GLY C 48 -7.02 -38.38 -3.17
CA GLY C 48 -6.39 -37.15 -3.69
C GLY C 48 -7.18 -35.85 -3.52
N LEU C 49 -8.20 -35.77 -2.63
CA LEU C 49 -8.92 -34.49 -2.33
C LEU C 49 -8.06 -33.58 -1.47
N ARG C 50 -8.17 -32.28 -1.75
CA ARG C 50 -7.28 -31.24 -1.19
C ARG C 50 -8.09 -30.06 -0.77
N PHE C 51 -7.59 -29.43 0.27
CA PHE C 51 -8.11 -28.13 0.75
C PHE C 51 -8.34 -27.29 -0.50
N GLY C 52 -9.48 -26.60 -0.62
CA GLY C 52 -9.72 -25.66 -1.74
C GLY C 52 -10.36 -26.27 -2.98
N ASP C 53 -10.52 -27.61 -3.02
CA ASP C 53 -11.17 -28.31 -4.17
C ASP C 53 -12.66 -27.95 -4.18
N GLN C 54 -13.20 -27.79 -5.38
CA GLN C 54 -14.60 -27.51 -5.66
C GLN C 54 -15.27 -28.84 -6.00
N VAL C 55 -16.41 -29.12 -5.34
CA VAL C 55 -17.27 -30.31 -5.63
C VAL C 55 -18.47 -29.84 -6.45
N LEU C 56 -18.46 -30.20 -7.72
CA LEU C 56 -19.51 -29.88 -8.71
C LEU C 56 -20.71 -30.82 -8.55
N GLN C 57 -20.47 -32.13 -8.36
CA GLN C 57 -21.53 -33.18 -8.28
C GLN C 57 -21.17 -34.16 -7.15
N ILE C 58 -22.17 -34.55 -6.36
CA ILE C 58 -22.06 -35.70 -5.41
C ILE C 58 -23.04 -36.74 -5.94
N ASN C 59 -22.54 -37.92 -6.36
CA ASN C 59 -23.35 -39.03 -6.94
C ASN C 59 -24.21 -38.51 -8.11
N GLY C 60 -23.65 -37.64 -8.96
CA GLY C 60 -24.28 -37.15 -10.21
C GLY C 60 -25.37 -36.11 -10.00
N GLU C 61 -25.59 -35.63 -8.77
CA GLU C 61 -26.41 -34.43 -8.52
C GLU C 61 -25.46 -33.24 -8.48
N ASN C 62 -25.89 -32.11 -9.04
CA ASN C 62 -25.14 -30.83 -8.96
C ASN C 62 -25.13 -30.27 -7.53
N CYS C 63 -24.00 -29.74 -7.06
CA CYS C 63 -23.86 -29.11 -5.70
C CYS C 63 -24.28 -27.64 -5.71
N ALA C 64 -24.42 -27.06 -6.90
CA ALA C 64 -24.68 -25.62 -7.07
C ALA C 64 -25.84 -25.20 -6.14
N GLY C 65 -25.60 -24.18 -5.31
CA GLY C 65 -26.63 -23.59 -4.44
C GLY C 65 -26.82 -24.34 -3.13
N TRP C 66 -26.20 -25.50 -2.92
CA TRP C 66 -26.30 -26.24 -1.63
C TRP C 66 -25.67 -25.42 -0.51
N SER C 67 -26.31 -25.40 0.66
CA SER C 67 -25.67 -25.04 1.95
C SER C 67 -24.66 -26.12 2.34
N SER C 68 -23.64 -25.71 3.07
CA SER C 68 -22.69 -26.62 3.76
C SER C 68 -23.51 -27.72 4.45
N ASP C 69 -24.56 -27.33 5.16
CA ASP C 69 -25.50 -28.25 5.87
C ASP C 69 -26.05 -29.27 4.87
N LYS C 70 -26.57 -28.82 3.74
CA LYS C 70 -27.12 -29.77 2.75
C LYS C 70 -26.01 -30.72 2.28
N ALA C 71 -24.81 -30.22 1.98
CA ALA C 71 -23.75 -31.05 1.39
C ALA C 71 -23.40 -32.14 2.40
N HIS C 72 -23.35 -31.80 3.69
CA HIS C 72 -23.01 -32.74 4.79
C HIS C 72 -24.14 -33.77 4.95
N LYS C 73 -25.40 -33.34 4.91
CA LYS C 73 -26.56 -34.27 5.06
C LYS C 73 -26.51 -35.28 3.90
N VAL C 74 -26.24 -34.84 2.69
CA VAL C 74 -26.25 -35.72 1.50
C VAL C 74 -25.18 -36.82 1.67
N LEU C 75 -23.98 -36.40 2.09
CA LEU C 75 -22.87 -37.37 2.22
C LEU C 75 -23.14 -38.33 3.39
N LYS C 76 -23.56 -37.81 4.54
CA LYS C 76 -23.97 -38.58 5.73
C LYS C 76 -25.01 -39.66 5.36
N GLN C 77 -25.94 -39.35 4.45
CA GLN C 77 -27.05 -40.27 4.00
C GLN C 77 -26.60 -41.19 2.88
N ALA C 78 -25.44 -40.96 2.31
CA ALA C 78 -24.97 -41.69 1.12
C ALA C 78 -24.63 -43.10 1.57
N PHE C 79 -25.37 -44.10 1.09
CA PHE C 79 -25.00 -45.53 1.25
C PHE C 79 -25.17 -46.18 -0.12
N GLY C 80 -24.24 -45.93 -1.02
CA GLY C 80 -23.98 -46.82 -2.16
C GLY C 80 -23.18 -48.02 -1.67
N GLU C 81 -22.26 -48.52 -2.49
CA GLU C 81 -21.01 -49.17 -2.01
C GLU C 81 -19.85 -48.18 -2.24
N LYS C 82 -20.05 -47.22 -3.13
CA LYS C 82 -19.08 -46.15 -3.45
C LYS C 82 -19.80 -44.79 -3.52
N ILE C 83 -19.07 -43.71 -3.26
CA ILE C 83 -19.48 -42.31 -3.51
C ILE C 83 -18.65 -41.82 -4.71
N THR C 84 -19.30 -41.19 -5.69
CA THR C 84 -18.63 -40.46 -6.81
C THR C 84 -18.76 -38.96 -6.54
N MET C 85 -17.69 -38.21 -6.76
CA MET C 85 -17.63 -36.73 -6.77
C MET C 85 -16.97 -36.30 -8.09
N THR C 86 -17.55 -35.29 -8.75
CA THR C 86 -16.89 -34.48 -9.81
C THR C 86 -16.23 -33.25 -9.16
N ILE C 87 -14.94 -33.08 -9.39
CA ILE C 87 -14.06 -32.11 -8.70
C ILE C 87 -13.42 -31.18 -9.74
N ARG C 88 -13.29 -29.91 -9.39
CA ARG C 88 -12.44 -28.94 -10.12
C ARG C 88 -11.29 -28.63 -9.14
N ASP C 89 -10.09 -28.78 -9.65
CA ASP C 89 -8.82 -28.68 -8.91
C ASP C 89 -8.59 -27.27 -8.39
N ARG C 90 -8.50 -27.16 -7.07
CA ARG C 90 -8.12 -25.96 -6.30
C ARG C 90 -8.30 -24.64 -7.07
N PRO C 91 -9.54 -24.27 -7.46
CA PRO C 91 -9.79 -23.18 -8.41
C PRO C 91 -9.49 -21.78 -7.86
N PHE C 92 -9.46 -21.57 -6.54
CA PHE C 92 -9.12 -20.23 -6.00
C PHE C 92 -7.61 -20.18 -5.80
N GLU C 93 -6.86 -21.18 -6.25
CA GLU C 93 -5.41 -21.18 -5.92
C GLU C 93 -4.55 -21.15 -7.18
N ARG C 94 -3.32 -20.68 -7.03
N ARG C 94 -3.32 -20.66 -7.07
CA ARG C 94 -2.23 -20.69 -8.04
CA ARG C 94 -2.26 -20.76 -8.11
C ARG C 94 -0.94 -21.17 -7.37
C ARG C 94 -0.93 -21.09 -7.43
N THR C 95 -0.02 -21.75 -8.14
CA THR C 95 1.34 -22.09 -7.63
C THR C 95 2.38 -21.18 -8.27
N ILE C 96 3.33 -20.72 -7.48
CA ILE C 96 4.48 -19.91 -7.96
C ILE C 96 5.72 -20.71 -7.67
N THR C 97 6.59 -20.88 -8.66
CA THR C 97 7.92 -21.49 -8.49
C THR C 97 8.99 -20.40 -8.36
N MET C 98 9.81 -20.52 -7.33
CA MET C 98 10.92 -19.60 -7.01
C MET C 98 12.19 -20.42 -6.73
N HIS C 99 13.34 -19.77 -6.85
CA HIS C 99 14.71 -20.33 -6.61
C HIS C 99 15.32 -19.55 -5.45
N LYS C 100 15.93 -20.24 -4.49
CA LYS C 100 16.51 -19.55 -3.31
C LYS C 100 17.75 -18.77 -3.77
N ASP C 101 18.01 -17.61 -3.18
CA ASP C 101 19.30 -16.89 -3.38
C ASP C 101 20.39 -17.75 -2.73
N SER C 102 21.61 -17.23 -2.63
CA SER C 102 22.78 -18.03 -2.20
C SER C 102 22.73 -18.24 -0.68
N THR C 103 22.13 -17.33 0.07
CA THR C 103 21.89 -17.48 1.54
C THR C 103 20.65 -18.35 1.79
N GLY C 104 19.94 -18.82 0.76
CA GLY C 104 18.84 -19.79 0.97
C GLY C 104 17.51 -19.11 1.31
N HIS C 105 17.28 -17.90 0.81
CA HIS C 105 16.02 -17.10 0.95
C HIS C 105 15.27 -17.08 -0.39
N VAL C 106 13.94 -17.22 -0.35
CA VAL C 106 13.02 -17.10 -1.53
C VAL C 106 12.75 -15.64 -1.88
N GLY C 107 12.59 -14.81 -0.82
CA GLY C 107 12.37 -13.35 -0.86
C GLY C 107 10.96 -12.92 -0.43
N PHE C 108 10.44 -13.40 0.70
CA PHE C 108 9.16 -12.93 1.27
C PHE C 108 9.09 -13.13 2.79
N ILE C 109 8.31 -12.25 3.42
CA ILE C 109 7.93 -12.26 4.86
C ILE C 109 6.49 -12.76 4.93
N PHE C 110 6.18 -13.65 5.86
CA PHE C 110 4.78 -14.03 6.13
C PHE C 110 4.49 -13.94 7.63
N LYS C 111 3.20 -13.95 7.97
CA LYS C 111 2.69 -13.91 9.36
C LYS C 111 1.36 -14.66 9.39
N ASN C 112 1.20 -15.65 10.27
CA ASN C 112 -0.02 -16.53 10.28
C ASN C 112 -0.24 -17.09 8.87
N GLY C 113 0.82 -17.48 8.15
CA GLY C 113 0.77 -18.17 6.85
C GLY C 113 0.34 -17.22 5.74
N LYS C 114 0.32 -15.91 5.99
CA LYS C 114 -0.10 -14.90 4.99
C LYS C 114 1.10 -14.07 4.57
N ILE C 115 1.37 -14.00 3.28
CA ILE C 115 2.56 -13.28 2.75
C ILE C 115 2.30 -11.79 2.93
N THR C 116 3.21 -11.08 3.63
CA THR C 116 3.04 -9.68 4.07
C THR C 116 4.08 -8.77 3.40
N SER C 117 5.21 -9.28 2.92
CA SER C 117 6.10 -8.44 2.07
C SER C 117 6.95 -9.28 1.13
N ILE C 118 7.31 -8.67 0.01
CA ILE C 118 8.19 -9.23 -1.06
C ILE C 118 9.52 -8.51 -1.03
N VAL C 119 10.62 -9.24 -1.03
CA VAL C 119 11.98 -8.63 -1.03
C VAL C 119 12.25 -8.19 -2.49
N LYS C 120 12.65 -6.94 -2.69
CA LYS C 120 13.15 -6.39 -3.98
C LYS C 120 14.29 -7.27 -4.50
N ASP C 121 14.24 -7.64 -5.78
CA ASP C 121 15.34 -8.32 -6.50
C ASP C 121 15.46 -9.76 -6.00
N SER C 122 14.42 -10.30 -5.36
CA SER C 122 14.31 -11.75 -5.02
C SER C 122 13.65 -12.51 -6.18
N SER C 123 13.78 -13.84 -6.16
CA SER C 123 13.01 -14.76 -7.04
C SER C 123 11.50 -14.54 -6.83
N ALA C 124 11.06 -14.30 -5.61
CA ALA C 124 9.65 -13.99 -5.31
C ALA C 124 9.21 -12.77 -6.14
N ALA C 125 9.95 -11.69 -6.05
CA ALA C 125 9.70 -10.46 -6.84
C ALA C 125 9.65 -10.83 -8.32
N ARG C 126 10.71 -11.45 -8.84
CA ARG C 126 10.90 -11.80 -10.28
C ARG C 126 9.72 -12.63 -10.76
N ASN C 127 9.24 -13.55 -9.93
CA ASN C 127 8.12 -14.45 -10.32
C ASN C 127 6.77 -13.87 -9.88
N GLY C 128 6.76 -12.69 -9.23
CA GLY C 128 5.54 -11.92 -8.96
C GLY C 128 4.63 -12.58 -7.95
N LEU C 129 5.21 -13.14 -6.89
CA LEU C 129 4.46 -13.51 -5.68
C LEU C 129 3.80 -12.25 -5.14
N LEU C 130 2.60 -12.38 -4.61
CA LEU C 130 1.76 -11.26 -4.09
C LEU C 130 1.64 -11.31 -2.58
N THR C 131 1.37 -10.15 -1.98
CA THR C 131 1.05 -10.05 -0.54
C THR C 131 -0.43 -10.31 -0.43
N GLU C 132 -0.92 -10.40 0.81
CA GLU C 132 -2.35 -10.56 1.08
C GLU C 132 -2.80 -11.91 0.46
N HIS C 133 -1.89 -12.87 0.41
CA HIS C 133 -2.27 -14.23 -0.03
C HIS C 133 -1.89 -15.21 1.11
N ASN C 134 -2.71 -16.24 1.34
CA ASN C 134 -2.36 -17.34 2.27
C ASN C 134 -1.59 -18.44 1.54
N ILE C 135 -0.55 -18.95 2.18
CA ILE C 135 0.20 -20.14 1.74
C ILE C 135 -0.60 -21.35 2.15
N CYS C 136 -1.10 -22.10 1.18
CA CYS C 136 -1.88 -23.34 1.32
C CYS C 136 -0.97 -24.56 1.28
N GLU C 137 0.04 -24.55 0.40
CA GLU C 137 0.92 -25.72 0.28
C GLU C 137 2.32 -25.23 -0.03
N ILE C 138 3.33 -25.99 0.42
CA ILE C 138 4.73 -25.88 -0.04
C ILE C 138 5.12 -27.18 -0.70
N ASN C 139 5.59 -27.11 -1.95
CA ASN C 139 5.89 -28.28 -2.81
C ASN C 139 4.81 -29.33 -2.63
N GLY C 140 3.53 -28.97 -2.81
CA GLY C 140 2.44 -29.97 -2.77
C GLY C 140 2.01 -30.42 -1.38
N GLN C 141 2.71 -30.02 -0.33
CA GLN C 141 2.31 -30.32 1.05
C GLN C 141 1.44 -29.20 1.63
N ASN C 142 0.24 -29.58 2.05
CA ASN C 142 -0.73 -28.71 2.76
C ASN C 142 -0.07 -28.19 4.05
N VAL C 143 -0.07 -26.89 4.32
CA VAL C 143 0.63 -26.36 5.52
C VAL C 143 -0.38 -25.57 6.35
N ILE C 144 -1.65 -25.81 6.09
CA ILE C 144 -2.73 -24.99 6.68
C ILE C 144 -2.94 -25.44 8.12
N GLY C 145 -2.79 -24.49 9.04
CA GLY C 145 -2.94 -24.67 10.50
C GLY C 145 -1.60 -24.96 11.15
N LEU C 146 -0.48 -25.04 10.40
CA LEU C 146 0.88 -25.15 11.03
C LEU C 146 1.28 -23.79 11.64
N LYS C 147 2.23 -23.78 12.57
CA LYS C 147 2.78 -22.51 13.12
C LYS C 147 3.64 -21.85 12.04
N ASP C 148 3.90 -20.55 12.17
CA ASP C 148 4.85 -19.90 11.23
C ASP C 148 6.21 -20.59 11.31
N SER C 149 6.66 -21.01 12.51
CA SER C 149 7.98 -21.68 12.69
C SER C 149 8.00 -23.03 11.93
N GLN C 150 6.90 -23.75 11.87
CA GLN C 150 6.86 -25.02 11.10
C GLN C 150 6.84 -24.71 9.58
N ILE C 151 6.08 -23.70 9.18
CA ILE C 151 6.05 -23.32 7.75
C ILE C 151 7.49 -22.94 7.35
N ALA C 152 8.17 -22.13 8.15
CA ALA C 152 9.55 -21.67 7.79
C ALA C 152 10.53 -22.84 7.84
N ASP C 153 10.34 -23.79 8.75
CA ASP C 153 11.27 -24.95 8.85
C ASP C 153 11.11 -25.78 7.56
N ILE C 154 9.88 -25.89 7.02
CA ILE C 154 9.59 -26.67 5.77
C ILE C 154 10.27 -25.96 4.59
N LEU C 155 10.19 -24.63 4.58
CA LEU C 155 10.82 -23.79 3.53
C LEU C 155 12.33 -24.05 3.52
N SER C 156 12.96 -24.06 4.70
CA SER C 156 14.43 -24.24 4.86
C SER C 156 14.87 -25.57 4.30
N THR C 157 14.07 -26.63 4.51
CA THR C 157 14.39 -28.03 4.12
C THR C 157 13.77 -28.39 2.77
N SER C 158 13.13 -27.46 2.06
CA SER C 158 12.93 -27.66 0.61
C SER C 158 14.29 -27.50 -0.02
N GLY C 159 14.47 -27.91 -1.25
CA GLY C 159 15.73 -27.58 -1.93
C GLY C 159 15.75 -26.12 -2.37
N THR C 160 16.46 -25.85 -3.45
CA THR C 160 16.69 -24.46 -3.96
C THR C 160 15.49 -24.03 -4.80
N VAL C 161 14.72 -24.99 -5.32
CA VAL C 161 13.47 -24.76 -6.09
C VAL C 161 12.28 -25.05 -5.16
N VAL C 162 11.49 -24.02 -4.91
CA VAL C 162 10.35 -23.97 -3.97
C VAL C 162 9.09 -23.57 -4.75
N THR C 163 8.06 -24.38 -4.70
CA THR C 163 6.71 -24.11 -5.24
C THR C 163 5.78 -23.79 -4.08
N ILE C 164 5.20 -22.59 -4.07
CA ILE C 164 4.18 -22.16 -3.07
C ILE C 164 2.81 -22.15 -3.76
N THR C 165 1.80 -22.74 -3.15
CA THR C 165 0.41 -22.68 -3.64
C THR C 165 -0.28 -21.67 -2.77
N ILE C 166 -0.76 -20.59 -3.38
CA ILE C 166 -1.34 -19.42 -2.68
C ILE C 166 -2.82 -19.22 -3.01
N MET C 167 -3.50 -18.54 -2.10
CA MET C 167 -4.93 -18.17 -2.22
C MET C 167 -5.06 -16.75 -1.72
N PRO C 168 -5.79 -15.86 -2.44
CA PRO C 168 -6.08 -14.53 -1.93
C PRO C 168 -6.70 -14.68 -0.53
N ALA C 169 -6.16 -13.89 0.39
CA ALA C 169 -6.48 -13.92 1.83
C ALA C 169 -7.99 -13.83 2.10
N PHE C 170 -8.74 -13.01 1.34
N PHE C 170 -8.74 -12.99 1.36
CA PHE C 170 -10.18 -12.76 1.57
CA PHE C 170 -10.20 -12.78 1.60
C PHE C 170 -10.97 -14.04 1.23
C PHE C 170 -10.94 -14.11 1.32
N ILE C 171 -10.43 -14.90 0.35
CA ILE C 171 -11.12 -16.15 -0.07
C ILE C 171 -10.82 -17.21 0.99
N PHE C 172 -9.57 -17.24 1.39
CA PHE C 172 -9.07 -18.15 2.45
C PHE C 172 -9.88 -17.93 3.75
N GLU C 173 -9.98 -16.69 4.20
CA GLU C 173 -10.74 -16.39 5.45
C GLU C 173 -12.20 -16.82 5.28
N HIS C 174 -12.78 -16.66 4.11
CA HIS C 174 -14.17 -17.09 3.89
C HIS C 174 -14.23 -18.62 4.02
N ILE C 175 -13.32 -19.33 3.34
CA ILE C 175 -13.35 -20.81 3.26
C ILE C 175 -13.24 -21.42 4.66
N ILE C 176 -12.44 -20.86 5.58
CA ILE C 176 -12.17 -21.50 6.91
C ILE C 176 -13.19 -21.01 7.96
N LYS C 177 -14.11 -20.11 7.61
CA LYS C 177 -15.30 -19.77 8.42
C LYS C 177 -16.07 -21.06 8.72
N ARG C 178 -16.73 -21.14 9.88
CA ARG C 178 -17.55 -22.33 10.29
C ARG C 178 -16.64 -23.43 10.81
N MET C 179 -15.41 -23.09 11.22
CA MET C 179 -14.43 -24.10 11.68
C MET C 179 -13.59 -23.46 12.77
N ALA C 180 -13.45 -24.09 13.96
CA ALA C 180 -12.60 -23.63 15.08
C ALA C 180 -11.16 -23.80 14.62
N PRO C 181 -10.28 -22.79 14.86
CA PRO C 181 -8.84 -22.93 14.64
C PRO C 181 -8.23 -24.24 15.18
N SER C 182 -8.62 -24.67 16.39
CA SER C 182 -8.11 -25.90 17.08
C SER C 182 -8.37 -27.16 16.25
N ILE C 183 -9.52 -27.24 15.58
CA ILE C 183 -9.98 -28.40 14.79
C ILE C 183 -9.13 -28.47 13.52
N MET C 184 -8.94 -27.30 12.93
CA MET C 184 -8.26 -27.14 11.62
C MET C 184 -6.84 -27.64 11.83
N LYS C 185 -6.19 -27.12 12.86
CA LYS C 185 -4.80 -27.46 13.28
C LYS C 185 -4.69 -28.97 13.61
N SER C 186 -5.62 -29.57 14.33
CA SER C 186 -5.51 -31.00 14.75
C SER C 186 -5.75 -31.93 13.58
N LEU C 187 -6.76 -31.66 12.75
CA LEU C 187 -7.32 -32.66 11.80
C LEU C 187 -6.84 -32.41 10.36
N MET C 188 -6.25 -31.27 10.05
CA MET C 188 -5.91 -30.94 8.63
C MET C 188 -4.74 -31.85 8.14
N ASP C 189 -4.98 -32.59 7.07
CA ASP C 189 -3.97 -33.40 6.35
C ASP C 189 -2.72 -32.58 6.06
N HIS C 190 -1.55 -33.04 6.48
CA HIS C 190 -0.21 -32.50 6.14
C HIS C 190 0.63 -33.65 5.60
N THR C 191 -0.05 -34.70 5.11
CA THR C 191 0.53 -35.93 4.53
C THR C 191 1.49 -35.48 3.43
N ILE C 192 2.55 -36.25 3.23
CA ILE C 192 3.30 -36.30 1.94
C ILE C 192 3.02 -37.67 1.34
N PRO C 193 2.19 -37.73 0.28
CA PRO C 193 1.61 -39.01 -0.15
C PRO C 193 2.59 -39.90 -0.95
N GLU C 194 3.40 -39.23 -1.79
CA GLU C 194 4.39 -39.85 -2.73
C GLU C 194 5.68 -39.03 -2.63
N VAL C 195 6.84 -39.68 -2.75
CA VAL C 195 8.14 -38.96 -2.76
C VAL C 195 8.82 -39.28 -4.07
N ILE D 5 26.20 -4.63 31.40
CA ILE D 5 26.28 -3.96 32.76
C ILE D 5 27.69 -4.23 33.35
N LYS D 6 28.56 -3.20 33.51
CA LYS D 6 29.89 -3.31 34.19
C LYS D 6 29.72 -3.27 35.71
N GLN D 7 30.45 -4.16 36.41
CA GLN D 7 30.55 -4.19 37.89
C GLN D 7 31.42 -3.01 38.35
N GLY D 8 31.32 -2.62 39.61
CA GLY D 8 32.06 -1.47 40.11
C GLY D 8 31.72 -0.16 39.35
N ILE D 9 32.67 0.72 39.50
CA ILE D 9 32.50 2.18 39.55
C ILE D 9 33.40 2.77 38.48
N ARG D 10 33.02 3.91 37.92
CA ARG D 10 33.94 4.68 37.07
C ARG D 10 33.75 6.18 37.28
N GLU D 11 34.82 6.94 37.05
CA GLU D 11 34.75 8.41 37.00
C GLU D 11 34.39 8.80 35.57
N VAL D 12 33.54 9.80 35.40
CA VAL D 12 33.31 10.54 34.13
C VAL D 12 33.57 12.02 34.41
N ILE D 13 34.03 12.72 33.39
CA ILE D 13 34.57 14.11 33.41
C ILE D 13 33.87 14.74 32.23
N LEU D 14 33.08 15.79 32.45
CA LEU D 14 32.41 16.52 31.36
C LEU D 14 32.49 18.01 31.62
N CYS D 15 32.11 18.73 30.58
CA CYS D 15 32.01 20.21 30.52
C CYS D 15 30.61 20.57 30.08
N LYS D 16 30.08 21.62 30.65
CA LYS D 16 28.76 22.18 30.24
C LYS D 16 28.84 22.69 28.82
N ASP D 17 27.79 22.54 28.04
CA ASP D 17 27.73 23.19 26.71
C ASP D 17 27.53 24.70 26.86
N GLN D 18 27.17 25.34 25.75
CA GLN D 18 27.17 26.83 25.66
C GLN D 18 25.97 27.36 26.43
N ASP D 19 24.94 26.53 26.67
CA ASP D 19 23.79 26.94 27.51
C ASP D 19 24.00 26.62 29.00
N GLY D 20 25.17 26.11 29.37
CA GLY D 20 25.42 25.78 30.79
C GLY D 20 24.72 24.49 31.19
N LYS D 21 24.48 23.60 30.22
CA LYS D 21 23.75 22.31 30.38
C LYS D 21 24.70 21.15 30.14
N ILE D 22 24.54 20.04 30.89
CA ILE D 22 25.23 18.76 30.59
C ILE D 22 24.27 17.76 29.95
N GLY D 23 22.96 17.84 30.16
CA GLY D 23 21.93 17.00 29.49
C GLY D 23 21.45 15.83 30.35
N LEU D 24 21.11 16.08 31.63
CA LEU D 24 20.75 15.10 32.66
C LEU D 24 19.48 15.53 33.40
N ARG D 25 18.68 14.54 33.79
CA ARG D 25 17.71 14.59 34.88
C ARG D 25 18.08 13.47 35.86
N LEU D 26 18.09 13.79 37.14
CA LEU D 26 18.43 12.92 38.26
C LEU D 26 17.19 12.64 39.10
N LYS D 27 17.17 11.50 39.81
CA LYS D 27 16.00 11.16 40.64
C LYS D 27 16.51 10.49 41.92
N SER D 28 15.94 10.89 43.03
CA SER D 28 16.14 10.27 44.36
C SER D 28 15.40 8.93 44.43
N ILE D 29 16.12 7.83 44.69
CA ILE D 29 15.52 6.49 44.90
C ILE D 29 16.28 5.87 46.06
N ASP D 30 15.59 5.49 47.14
CA ASP D 30 16.21 4.64 48.19
C ASP D 30 17.51 5.29 48.69
N ASN D 31 17.50 6.62 48.82
CA ASN D 31 18.60 7.46 49.34
C ASN D 31 19.84 7.40 48.45
N GLY D 32 19.63 7.03 47.17
CA GLY D 32 20.60 7.14 46.09
C GLY D 32 20.14 8.17 45.08
N ILE D 33 20.98 8.50 44.12
CA ILE D 33 20.64 9.38 42.98
C ILE D 33 20.84 8.59 41.69
N PHE D 34 19.83 8.57 40.84
CA PHE D 34 19.91 7.81 39.58
C PHE D 34 19.56 8.78 38.45
N VAL D 35 20.04 8.45 37.29
CA VAL D 35 19.74 9.16 36.00
C VAL D 35 18.37 8.71 35.53
N GLN D 36 17.47 9.68 35.38
CA GLN D 36 16.10 9.52 34.82
C GLN D 36 16.09 9.91 33.33
N LEU D 37 17.07 10.73 32.93
CA LEU D 37 17.19 11.15 31.53
C LEU D 37 18.62 11.51 31.19
N VAL D 38 18.99 11.06 30.01
CA VAL D 38 20.17 11.50 29.26
C VAL D 38 19.67 12.09 27.95
N GLN D 39 20.07 13.32 27.71
CA GLN D 39 19.69 14.06 26.47
C GLN D 39 20.59 13.65 25.30
N ALA D 40 19.96 13.30 24.18
CA ALA D 40 20.59 13.07 22.86
C ALA D 40 21.48 14.27 22.54
N ASN D 41 22.70 13.97 22.16
CA ASN D 41 23.72 14.88 21.61
C ASN D 41 24.18 15.82 22.73
N SER D 42 24.04 15.42 23.96
CA SER D 42 24.48 16.23 25.13
C SER D 42 25.89 15.85 25.57
N PRO D 43 26.56 16.72 26.36
CA PRO D 43 27.79 16.25 27.00
C PRO D 43 27.64 14.96 27.81
N ALA D 44 26.50 14.78 28.46
CA ALA D 44 26.27 13.57 29.29
C ALA D 44 26.26 12.35 28.36
N SER D 45 25.56 12.42 27.22
CA SER D 45 25.48 11.31 26.24
C SER D 45 26.87 11.07 25.63
N LEU D 46 27.59 12.13 25.25
CA LEU D 46 28.94 12.04 24.63
C LEU D 46 29.89 11.31 25.57
N VAL D 47 29.81 11.48 26.89
CA VAL D 47 30.73 10.80 27.85
C VAL D 47 30.17 9.43 28.25
N GLY D 48 28.98 9.05 27.78
CA GLY D 48 28.45 7.70 27.92
C GLY D 48 27.67 7.44 29.18
N LEU D 49 27.06 8.46 29.78
CA LEU D 49 26.07 8.26 30.84
C LEU D 49 24.81 7.66 30.23
N ARG D 50 24.11 6.89 31.04
CA ARG D 50 22.90 6.15 30.63
C ARG D 50 21.76 6.29 31.64
N PHE D 51 20.57 6.16 31.12
CA PHE D 51 19.33 5.93 31.89
C PHE D 51 19.60 4.79 32.91
N GLY D 52 19.32 5.05 34.19
CA GLY D 52 19.45 4.08 35.29
C GLY D 52 20.81 4.09 36.00
N ASP D 53 21.81 4.77 35.45
CA ASP D 53 23.08 4.92 36.17
C ASP D 53 22.82 5.56 37.53
N GLN D 54 23.63 5.15 38.51
CA GLN D 54 23.71 5.71 39.86
C GLN D 54 24.89 6.66 39.94
N VAL D 55 24.58 7.85 40.43
CA VAL D 55 25.60 8.89 40.70
C VAL D 55 25.95 8.79 42.17
N LEU D 56 27.18 8.36 42.45
CA LEU D 56 27.76 8.16 43.80
C LEU D 56 28.33 9.48 44.35
N GLN D 57 29.14 10.15 43.56
CA GLN D 57 29.73 11.47 43.91
C GLN D 57 29.52 12.42 42.73
N ILE D 58 29.42 13.71 43.02
CA ILE D 58 29.55 14.83 42.03
C ILE D 58 30.66 15.73 42.60
N ASN D 59 31.74 15.88 41.85
CA ASN D 59 32.87 16.76 42.22
C ASN D 59 33.41 16.27 43.55
N GLY D 60 33.45 14.94 43.72
CA GLY D 60 33.97 14.25 44.89
C GLY D 60 33.10 14.42 46.12
N GLU D 61 31.86 14.89 46.03
CA GLU D 61 30.93 14.90 47.20
C GLU D 61 29.92 13.76 47.09
N ASN D 62 29.62 13.06 48.19
CA ASN D 62 28.67 11.92 48.19
C ASN D 62 27.24 12.41 47.89
N CYS D 63 26.50 11.72 47.02
CA CYS D 63 25.09 12.10 46.67
C CYS D 63 24.10 11.46 47.65
N ALA D 64 24.59 10.60 48.56
CA ALA D 64 23.75 9.77 49.43
C ALA D 64 22.76 10.65 50.20
N GLY D 65 21.47 10.33 50.13
CA GLY D 65 20.40 11.03 50.86
C GLY D 65 19.97 12.35 50.19
N TRP D 66 20.60 12.79 49.11
CA TRP D 66 20.18 14.03 48.40
C TRP D 66 18.80 13.83 47.77
N SER D 67 17.93 14.83 47.87
CA SER D 67 16.69 14.99 47.06
C SER D 67 17.07 15.21 45.58
N SER D 68 16.19 14.89 44.66
CA SER D 68 16.29 15.26 43.23
C SER D 68 16.68 16.74 43.08
N ASP D 69 15.97 17.62 43.78
CA ASP D 69 16.17 19.09 43.80
C ASP D 69 17.61 19.41 44.19
N LYS D 70 18.11 18.83 45.29
CA LYS D 70 19.51 19.10 45.71
C LYS D 70 20.45 18.62 44.62
N ALA D 71 20.25 17.45 44.03
CA ALA D 71 21.28 16.94 43.08
C ALA D 71 21.26 17.86 41.83
N HIS D 72 20.08 18.27 41.38
CA HIS D 72 19.94 19.23 40.25
C HIS D 72 20.68 20.54 40.57
N LYS D 73 20.47 20.99 41.78
CA LYS D 73 20.96 22.30 42.24
C LYS D 73 22.47 22.25 42.16
N VAL D 74 23.03 21.18 42.74
CA VAL D 74 24.50 21.00 42.86
C VAL D 74 25.08 21.06 41.42
N LEU D 75 24.43 20.46 40.41
CA LEU D 75 24.99 20.40 39.04
C LEU D 75 24.82 21.79 38.34
N LYS D 76 23.70 22.46 38.56
CA LYS D 76 23.41 23.79 37.97
C LYS D 76 24.46 24.79 38.48
N GLN D 77 24.81 24.73 39.77
CA GLN D 77 25.84 25.62 40.36
C GLN D 77 27.29 25.19 40.11
N ALA D 78 27.58 23.99 39.59
CA ALA D 78 28.97 23.51 39.39
C ALA D 78 29.68 24.38 38.33
N PHE D 79 30.90 24.84 38.62
CA PHE D 79 31.72 25.52 37.58
C PHE D 79 31.71 24.59 36.37
N GLY D 80 31.48 25.17 35.20
CA GLY D 80 31.14 24.39 33.99
C GLY D 80 32.33 23.72 33.35
N GLU D 81 33.56 24.23 33.57
CA GLU D 81 34.75 23.88 32.72
C GLU D 81 35.19 22.42 32.98
N LYS D 82 34.98 21.87 34.18
CA LYS D 82 35.25 20.44 34.49
C LYS D 82 34.35 19.96 35.66
N ILE D 83 33.53 18.95 35.43
CA ILE D 83 32.66 18.32 36.46
C ILE D 83 33.04 16.84 36.45
N THR D 84 33.26 16.27 37.63
CA THR D 84 33.59 14.82 37.82
C THR D 84 32.35 14.15 38.41
N MET D 85 32.07 12.91 38.00
CA MET D 85 30.96 12.13 38.57
C MET D 85 31.52 10.73 38.71
N THR D 86 31.27 10.11 39.86
CA THR D 86 31.54 8.68 40.15
C THR D 86 30.22 7.95 39.95
N ILE D 87 30.20 7.03 39.00
CA ILE D 87 29.03 6.33 38.43
C ILE D 87 29.12 4.84 38.78
N ARG D 88 27.98 4.26 39.24
CA ARG D 88 27.75 2.80 39.22
C ARG D 88 26.87 2.50 38.01
N ASP D 89 27.23 1.48 37.27
CA ASP D 89 26.59 1.13 35.98
C ASP D 89 25.21 0.53 36.24
N ARG D 90 24.16 1.28 35.84
CA ARG D 90 22.77 0.79 35.75
C ARG D 90 22.48 -0.35 36.75
N PRO D 91 22.57 -0.09 38.06
CA PRO D 91 22.42 -1.14 39.07
C PRO D 91 21.04 -1.78 39.15
N PHE D 92 19.98 -1.15 38.67
CA PHE D 92 18.63 -1.72 38.86
C PHE D 92 18.29 -2.62 37.69
N GLU D 93 19.23 -2.78 36.75
CA GLU D 93 18.99 -3.40 35.43
C GLU D 93 19.89 -4.64 35.28
N ARG D 94 19.49 -5.50 34.37
CA ARG D 94 20.22 -6.72 33.97
C ARG D 94 19.95 -6.92 32.49
N THR D 95 20.84 -7.65 31.81
CA THR D 95 20.66 -7.97 30.38
C THR D 95 20.40 -9.46 30.21
N ILE D 96 19.55 -9.81 29.28
CA ILE D 96 19.24 -11.22 28.91
C ILE D 96 19.57 -11.36 27.41
N THR D 97 20.41 -12.34 26.99
CA THR D 97 20.77 -12.61 25.58
C THR D 97 19.89 -13.74 25.04
N MET D 98 19.24 -13.52 23.91
CA MET D 98 18.35 -14.48 23.25
C MET D 98 18.73 -14.62 21.77
N HIS D 99 18.23 -15.64 21.10
CA HIS D 99 18.53 -16.04 19.71
C HIS D 99 17.19 -16.08 19.02
N LYS D 100 17.04 -15.39 17.91
CA LYS D 100 15.74 -15.39 17.20
C LYS D 100 15.47 -16.79 16.63
N ASP D 101 14.20 -17.18 16.65
CA ASP D 101 13.73 -18.44 16.04
C ASP D 101 13.74 -18.21 14.52
N SER D 102 13.21 -19.16 13.74
CA SER D 102 13.24 -19.19 12.25
C SER D 102 12.32 -18.09 11.68
N THR D 103 11.40 -17.57 12.50
CA THR D 103 10.45 -16.49 12.13
C THR D 103 10.97 -15.11 12.56
N GLY D 104 12.12 -15.00 13.22
CA GLY D 104 12.67 -13.71 13.67
C GLY D 104 12.15 -13.30 15.05
N HIS D 105 11.60 -14.21 15.85
CA HIS D 105 11.04 -13.91 17.20
C HIS D 105 11.89 -14.56 18.25
N VAL D 106 11.89 -13.97 19.44
CA VAL D 106 12.66 -14.53 20.58
C VAL D 106 11.71 -15.10 21.65
N GLY D 107 10.40 -14.80 21.62
CA GLY D 107 9.41 -15.46 22.50
C GLY D 107 8.84 -14.61 23.62
N PHE D 108 8.43 -13.36 23.40
CA PHE D 108 7.70 -12.62 24.44
C PHE D 108 6.67 -11.67 23.87
N ILE D 109 5.73 -11.27 24.71
CA ILE D 109 4.69 -10.23 24.46
C ILE D 109 4.99 -9.06 25.41
N PHE D 110 4.88 -7.84 24.91
CA PHE D 110 5.05 -6.65 25.73
C PHE D 110 3.97 -5.62 25.40
N LYS D 111 3.62 -4.79 26.38
CA LYS D 111 2.76 -3.60 26.21
C LYS D 111 3.34 -2.42 26.99
N ASN D 112 3.35 -1.24 26.38
CA ASN D 112 3.85 -0.01 27.02
C ASN D 112 5.29 -0.30 27.44
N GLY D 113 6.01 -1.06 26.66
CA GLY D 113 7.40 -1.49 26.95
C GLY D 113 7.53 -2.44 28.16
N LYS D 114 6.46 -2.94 28.72
CA LYS D 114 6.55 -3.87 29.90
C LYS D 114 6.28 -5.31 29.44
N ILE D 115 7.19 -6.27 29.73
CA ILE D 115 6.98 -7.69 29.31
C ILE D 115 5.80 -8.26 30.10
N THR D 116 4.84 -8.87 29.42
CA THR D 116 3.57 -9.35 29.99
C THR D 116 3.47 -10.86 29.82
N SER D 117 4.04 -11.50 28.80
CA SER D 117 4.04 -12.99 28.74
C SER D 117 5.28 -13.50 28.00
N ILE D 118 5.63 -14.72 28.35
CA ILE D 118 6.80 -15.48 27.83
C ILE D 118 6.20 -16.62 27.04
N VAL D 119 6.69 -16.81 25.83
CA VAL D 119 6.20 -17.90 24.93
C VAL D 119 6.84 -19.21 25.38
N LYS D 120 6.00 -20.24 25.57
CA LYS D 120 6.44 -21.62 25.88
C LYS D 120 7.54 -22.04 24.89
N ASP D 121 8.63 -22.62 25.42
CA ASP D 121 9.70 -23.23 24.58
C ASP D 121 10.31 -22.22 23.61
N SER D 122 10.39 -20.97 24.01
CA SER D 122 11.09 -19.93 23.25
C SER D 122 12.52 -19.75 23.81
N SER D 123 13.30 -18.98 23.08
CA SER D 123 14.59 -18.44 23.55
C SER D 123 14.38 -17.58 24.80
N ALA D 124 13.34 -16.75 24.85
CA ALA D 124 13.04 -15.97 26.09
C ALA D 124 12.87 -16.95 27.25
N ALA D 125 12.11 -18.04 27.05
CA ALA D 125 11.83 -19.02 28.12
C ALA D 125 13.14 -19.69 28.55
N ARG D 126 13.96 -20.19 27.63
CA ARG D 126 15.24 -20.87 27.93
C ARG D 126 16.17 -19.92 28.68
N ASN D 127 16.15 -18.62 28.36
CA ASN D 127 17.05 -17.64 29.00
C ASN D 127 16.43 -17.01 30.24
N GLY D 128 15.22 -17.40 30.63
CA GLY D 128 14.57 -16.94 31.89
C GLY D 128 14.19 -15.46 31.90
N LEU D 129 13.71 -14.97 30.79
CA LEU D 129 13.16 -13.59 30.76
C LEU D 129 11.96 -13.60 31.67
N LEU D 130 11.73 -12.50 32.38
CA LEU D 130 10.67 -12.30 33.40
C LEU D 130 9.58 -11.35 32.90
N THR D 131 8.37 -11.51 33.38
CA THR D 131 7.29 -10.54 33.19
C THR D 131 7.42 -9.44 34.22
N GLU D 132 6.56 -8.44 34.11
CA GLU D 132 6.50 -7.30 35.05
C GLU D 132 7.89 -6.64 35.05
N HIS D 133 8.55 -6.63 33.91
CA HIS D 133 9.87 -5.97 33.74
C HIS D 133 9.79 -4.99 32.58
N ASN D 134 10.40 -3.81 32.72
CA ASN D 134 10.40 -2.82 31.60
C ASN D 134 11.66 -2.98 30.78
N ILE D 135 11.48 -2.90 29.47
CA ILE D 135 12.58 -2.94 28.48
C ILE D 135 13.19 -1.54 28.47
N CYS D 136 14.41 -1.46 28.93
CA CYS D 136 15.20 -0.24 29.00
C CYS D 136 16.06 -0.07 27.74
N GLU D 137 16.63 -1.17 27.23
CA GLU D 137 17.58 -1.13 26.09
C GLU D 137 17.46 -2.39 25.28
N ILE D 138 17.76 -2.25 23.98
CA ILE D 138 17.96 -3.39 23.06
C ILE D 138 19.34 -3.25 22.47
N ASN D 139 20.18 -4.25 22.70
CA ASN D 139 21.57 -4.26 22.21
C ASN D 139 22.22 -2.96 22.66
N GLY D 140 21.99 -2.56 23.90
CA GLY D 140 22.69 -1.36 24.40
C GLY D 140 21.96 -0.04 24.04
N GLN D 141 20.95 -0.06 23.14
CA GLN D 141 20.22 1.18 22.74
C GLN D 141 18.99 1.39 23.63
N ASN D 142 18.90 2.58 24.20
CA ASN D 142 17.81 3.14 25.04
C ASN D 142 16.56 3.27 24.16
N VAL D 143 15.47 2.56 24.53
CA VAL D 143 14.12 2.56 23.92
C VAL D 143 13.11 3.13 24.95
N ILE D 144 13.60 3.91 25.89
CA ILE D 144 12.68 4.53 26.89
C ILE D 144 11.90 5.72 26.30
N GLY D 145 10.58 5.54 26.31
CA GLY D 145 9.64 6.54 25.81
C GLY D 145 9.28 6.28 24.37
N LEU D 146 9.93 5.32 23.68
CA LEU D 146 9.52 4.93 22.32
C LEU D 146 8.17 4.22 22.34
N LYS D 147 7.46 4.23 21.23
CA LYS D 147 6.16 3.51 21.11
C LYS D 147 6.47 2.02 20.99
N ASP D 148 5.54 1.16 21.39
CA ASP D 148 5.69 -0.30 21.24
C ASP D 148 6.09 -0.62 19.78
N SER D 149 5.49 0.05 18.77
CA SER D 149 5.78 -0.31 17.36
C SER D 149 7.26 -0.04 17.11
N GLN D 150 7.82 1.01 17.68
CA GLN D 150 9.26 1.34 17.53
C GLN D 150 10.11 0.23 18.16
N ILE D 151 9.78 -0.14 19.39
CA ILE D 151 10.54 -1.16 20.15
C ILE D 151 10.51 -2.43 19.32
N ALA D 152 9.34 -2.78 18.79
CA ALA D 152 9.15 -3.97 17.93
C ALA D 152 10.11 -3.90 16.73
N ASP D 153 10.17 -2.74 16.06
N ASP D 153 10.15 -2.74 16.04
CA ASP D 153 11.01 -2.55 14.86
CA ASP D 153 11.01 -2.52 14.84
C ASP D 153 12.49 -2.75 15.24
C ASP D 153 12.48 -2.72 15.22
N ILE D 154 12.91 -2.21 16.38
CA ILE D 154 14.32 -2.31 16.85
C ILE D 154 14.66 -3.78 17.17
N LEU D 155 13.71 -4.55 17.70
CA LEU D 155 13.88 -6.02 17.84
C LEU D 155 14.05 -6.65 16.46
N SER D 156 13.25 -6.29 15.46
CA SER D 156 13.36 -7.01 14.16
C SER D 156 14.67 -6.62 13.43
N THR D 157 15.23 -5.44 13.62
CA THR D 157 16.45 -5.03 12.91
C THR D 157 17.70 -5.38 13.74
N SER D 158 17.53 -6.01 14.91
CA SER D 158 18.65 -6.68 15.62
C SER D 158 19.25 -7.75 14.70
N GLY D 159 20.51 -8.12 14.90
CA GLY D 159 21.00 -9.44 14.47
C GLY D 159 20.32 -10.58 15.26
N THR D 160 20.60 -11.82 14.93
CA THR D 160 20.00 -13.07 15.49
C THR D 160 20.13 -13.03 17.02
N VAL D 161 21.31 -12.64 17.48
CA VAL D 161 21.62 -12.47 18.91
C VAL D 161 21.00 -11.14 19.34
N VAL D 162 19.95 -11.19 20.17
CA VAL D 162 19.16 -10.00 20.65
C VAL D 162 19.43 -9.89 22.14
N THR D 163 20.08 -8.83 22.63
CA THR D 163 20.29 -8.57 24.06
C THR D 163 19.30 -7.48 24.51
N ILE D 164 18.52 -7.76 25.55
CA ILE D 164 17.61 -6.75 26.14
C ILE D 164 18.02 -6.49 27.56
N THR D 165 18.05 -5.21 27.91
CA THR D 165 18.23 -4.74 29.27
C THR D 165 16.88 -4.48 29.89
N ILE D 166 16.62 -5.09 31.04
CA ILE D 166 15.30 -5.05 31.73
C ILE D 166 15.46 -4.48 33.14
N MET D 167 14.35 -3.98 33.66
CA MET D 167 14.27 -3.40 35.00
C MET D 167 12.91 -3.82 35.53
N PRO D 168 12.85 -4.29 36.80
CA PRO D 168 11.57 -4.60 37.42
C PRO D 168 10.64 -3.37 37.33
N ALA D 169 9.37 -3.58 36.97
CA ALA D 169 8.35 -2.57 36.63
C ALA D 169 8.19 -1.56 37.75
N PHE D 170 8.20 -2.00 39.00
N PHE D 170 8.22 -1.99 39.00
CA PHE D 170 7.97 -1.11 40.17
CA PHE D 170 7.96 -1.10 40.16
C PHE D 170 9.12 -0.10 40.26
C PHE D 170 9.13 -0.12 40.34
N ILE D 171 10.36 -0.54 40.00
CA ILE D 171 11.52 0.40 40.09
C ILE D 171 11.44 1.40 38.92
N PHE D 172 11.09 0.91 37.73
CA PHE D 172 10.98 1.76 36.51
C PHE D 172 9.95 2.87 36.74
N GLU D 173 8.78 2.51 37.26
CA GLU D 173 7.70 3.47 37.51
C GLU D 173 8.25 4.50 38.49
N HIS D 174 9.07 4.09 39.43
CA HIS D 174 9.62 5.04 40.44
C HIS D 174 10.61 6.00 39.77
N ILE D 175 11.54 5.50 38.98
CA ILE D 175 12.62 6.30 38.31
C ILE D 175 11.92 7.33 37.42
N ILE D 176 10.87 7.00 36.70
CA ILE D 176 10.35 7.99 35.71
C ILE D 176 9.34 8.97 36.38
N LYS D 177 9.08 8.88 37.67
CA LYS D 177 8.19 9.86 38.36
C LYS D 177 8.83 11.26 38.29
N ARG D 178 7.98 12.29 38.26
CA ARG D 178 8.40 13.71 38.35
C ARG D 178 9.22 14.07 37.12
N MET D 179 8.85 13.47 36.00
CA MET D 179 9.36 13.75 34.64
C MET D 179 8.14 13.80 33.72
N ALA D 180 7.99 14.88 32.95
CA ALA D 180 6.87 15.00 32.00
C ALA D 180 7.06 13.96 30.93
N PRO D 181 6.02 13.20 30.55
CA PRO D 181 6.11 12.34 29.37
C PRO D 181 6.66 13.03 28.11
N SER D 182 6.39 14.33 27.91
CA SER D 182 6.72 15.02 26.64
C SER D 182 8.22 15.22 26.60
N ILE D 183 8.79 15.44 27.78
CA ILE D 183 10.25 15.58 27.93
C ILE D 183 10.91 14.20 27.67
N MET D 184 10.37 13.12 28.27
CA MET D 184 10.91 11.72 28.14
C MET D 184 10.88 11.36 26.65
N LYS D 185 9.75 11.66 25.99
CA LYS D 185 9.53 11.36 24.55
C LYS D 185 10.35 12.26 23.63
N SER D 186 10.60 13.54 23.92
CA SER D 186 11.38 14.39 22.98
C SER D 186 12.89 14.33 23.28
N LEU D 187 13.35 14.25 24.52
CA LEU D 187 14.79 14.54 24.80
C LEU D 187 15.64 13.27 24.96
N MET D 188 15.06 12.11 25.26
CA MET D 188 15.81 10.90 25.68
C MET D 188 16.75 10.48 24.51
N ASP D 189 18.04 10.32 24.81
CA ASP D 189 19.07 9.68 23.97
C ASP D 189 18.64 8.30 23.44
N HIS D 190 18.59 8.11 22.11
CA HIS D 190 18.33 6.76 21.53
C HIS D 190 19.44 6.36 20.57
N THR D 191 20.58 7.04 20.65
CA THR D 191 21.63 6.88 19.63
C THR D 191 22.31 5.53 19.76
N ILE D 192 22.93 5.11 18.66
CA ILE D 192 23.78 3.90 18.59
C ILE D 192 25.06 4.37 17.92
N PRO D 193 26.19 3.67 18.17
CA PRO D 193 27.49 4.09 17.64
C PRO D 193 27.58 4.06 16.10
N GLU D 194 26.95 3.09 15.45
CA GLU D 194 26.95 3.00 13.97
C GLU D 194 25.76 2.15 13.51
N VAL D 195 25.43 2.19 12.23
CA VAL D 195 24.52 1.22 11.57
C VAL D 195 25.39 0.26 10.75
C1 EDO E . -7.42 -7.95 -2.29
O1 EDO E . -6.32 -7.06 -2.29
C2 EDO E . -8.49 -7.51 -3.24
O2 EDO E . -7.99 -7.19 -4.51
C1 EDO F . -15.39 39.68 -18.22
O1 EDO F . -14.64 38.52 -18.05
C2 EDO F . -15.98 39.72 -19.56
O2 EDO F . -16.36 38.46 -20.05
C1 EDO G . 1.90 27.88 -8.65
O1 EDO G . 2.42 28.60 -7.58
C2 EDO G . 2.78 28.01 -9.88
O2 EDO G . 2.84 29.32 -10.46
N DGL H . -22.46 28.98 -19.24
CA DGL H . -21.70 29.23 -17.98
C DGL H . -20.47 28.28 -17.92
O DGL H . -20.34 27.29 -18.68
CB DGL H . -21.33 30.71 -17.87
CG DGL H . -20.95 31.37 -19.18
CD DGL H . -20.08 32.62 -19.07
OE1 DGL H . -19.41 32.94 -20.08
OE2 DGL H . -20.08 33.27 -17.99
OXT DGL H . -19.57 28.49 -17.09
C1 EDO I . -1.45 -33.37 0.27
O1 EDO I . -1.38 -32.17 -0.50
C2 EDO I . -1.61 -33.17 1.74
O2 EDO I . -0.52 -32.48 2.29
C1 EDO J . -15.25 -14.48 -0.84
O1 EDO J . -14.86 -15.85 -0.97
C2 EDO J . -16.34 -14.10 -1.79
O2 EDO J . -17.61 -14.62 -1.43
C1 EDO K . -7.69 -16.18 -8.43
O1 EDO K . -6.52 -16.70 -7.80
C2 EDO K . -8.97 -16.79 -8.00
O2 EDO K . -9.68 -17.46 -9.03
N GLY L . -23.53 -19.63 4.32
CA GLY L . -24.52 -20.74 4.17
C GLY L . -23.84 -22.10 4.26
O GLY L . -24.48 -23.12 4.05
OXT GLY L . -22.64 -22.20 4.53
C10 YDU M . 16.14 7.61 17.30
C13 YDU M . 13.94 6.54 17.35
C01 YDU M . 23.50 5.59 14.07
C02 YDU M . 22.40 6.34 14.79
C05 YDU M . 20.44 7.12 15.38
C07 YDU M . 18.46 8.24 16.47
C09 YDU M . 16.94 8.51 16.36
C11 YDU M . 16.45 6.28 17.09
C12 YDU M . 15.13 5.48 17.48
C14 YDU M . 14.50 7.75 17.03
N03 YDU M . 22.54 7.07 15.89
N06 YDU M . 19.04 7.44 15.40
N15 YDU M . 21.07 6.35 14.45
O04 YDU M . 21.33 7.56 16.25
O08 YDU M . 19.09 8.66 17.39
C1 EDO N . 22.87 4.89 24.57
O1 EDO N . 22.57 3.64 25.14
C2 EDO N . 21.63 5.58 24.11
O2 EDO N . 20.83 4.76 23.29
C1 EDO O . 11.59 0.98 45.74
O1 EDO O . 11.77 2.32 46.12
C2 EDO O . 11.45 0.84 44.28
O2 EDO O . 11.91 1.95 43.57
S SO4 P . 18.82 -19.92 22.60
O1 SO4 P . 18.59 -20.82 23.69
O2 SO4 P . 17.66 -19.89 21.75
O3 SO4 P . 19.96 -20.35 21.84
O4 SO4 P . 19.06 -18.59 23.11
S SO4 Q . 2.61 2.43 23.40
O1 SO4 Q . 1.55 1.47 23.57
O2 SO4 Q . 3.23 2.23 22.11
O3 SO4 Q . 3.61 2.26 24.43
O4 SO4 Q . 2.09 3.77 23.48
S SO4 R . 28.94 7.16 23.56
O1 SO4 R . 29.29 6.14 22.61
O2 SO4 R . 27.51 7.23 23.67
O3 SO4 R . 29.45 8.42 23.10
O4 SO4 R . 29.53 6.84 24.83
N ALA S . 6.78 -10.70 19.95
CA ALA S . 8.20 -10.18 19.88
C ALA S . 9.20 -11.35 19.90
O ALA S . 8.93 -12.45 20.39
CB ALA S . 8.46 -9.23 21.01
OXT ALA S . 10.32 -11.16 19.41
N DGL T . 12.11 13.42 47.86
CA DGL T . 11.51 13.19 46.50
C DGL T . 12.62 13.39 45.45
O DGL T . 12.48 12.97 44.27
CB DGL T . 10.81 11.83 46.43
CG DGL T . 11.50 10.69 47.20
CD DGL T . 11.50 9.30 46.56
OE1 DGL T . 10.63 9.01 45.70
OE2 DGL T . 12.37 8.49 46.94
OXT DGL T . 13.66 14.01 45.82
N GLY U . 15.35 10.08 49.98
CA GLY U . 16.12 11.18 50.62
C GLY U . 15.62 12.55 50.19
O GLY U . 14.74 12.66 49.34
OXT GLY U . 16.09 13.55 50.69
#